data_4TTD
#
_entry.id   4TTD
#
_cell.length_a   63.900
_cell.length_b   64.300
_cell.length_c   76.600
_cell.angle_alpha   102.40
_cell.angle_beta   101.80
_cell.angle_gamma   102.40
#
_symmetry.space_group_name_H-M   'P 1'
#
loop_
_entity.id
_entity.type
_entity.pdbx_description
1 polymer 'Lysozyme C'
2 polymer 'FAb Heavy Chain'
3 polymer 'FAb Light Chain'
4 water water
#
loop_
_entity_poly.entity_id
_entity_poly.type
_entity_poly.pdbx_seq_one_letter_code
_entity_poly.pdbx_strand_id
1 'polypeptide(L)'
;KVFGRCELAAAMKRHGLDNYRGYSLGNWVCAAKFESNFNTQATNRNTDGSTDYGILQINSRWWCNDGRTPGSRNLCNIPC
SALLSSDITASVNCAKKIVSDGNGMNAWVAWRNRCKGTDVQAWIRGCRL
;
A,B
2 'polypeptide(L)'
;QVQLVESGGGLVQPGGPLRLSCAASGFTISSNYMSWVRQAPGKGLEWVSAIYSGGSTYYADSVKGRFTISRDNSKNTLYL
QMNSLRAEDTAVYYCAREGPGDSIVYWGKGTLVTVSSASTKGPSVFPLAPSSKSTSGGTAALGCLVKDYFPEPVTVSWNS
GALTSGVHTFPAVLQSSGLYSLSSVVTVPSSSLGTQTYICNVNHKPSNTKVDKRVEPKSDCK
;
C,H
3 'polypeptide(L)'
;QSVLTQPPSVSGAPGQRVSISCTGRSSNIGAGYDVHWYQQLPGKAPKLLIYGNTNRPSGVPVRFSGSKSGTSASLAITGL
QAEDEADYYCQSYDSSLRGSVFGGGTKLTVLGQPKAAPSVTLFPPSSEELQANKATLVCLISDFYPGAVTVAWKADSSPV
KAGVETTTPSKQSNNKYAASSYLSLTPEQWKSHRSYSCQVTHEGSTVEKTVAPTECS
;
D,L
#
# COMPACT_ATOMS: atom_id res chain seq x y z
N LYS A 1 -34.94 -34.63 2.48
CA LYS A 1 -34.60 -34.25 3.84
C LYS A 1 -33.55 -33.14 3.86
N VAL A 2 -33.78 -32.09 4.68
CA VAL A 2 -32.85 -30.99 4.86
C VAL A 2 -32.34 -31.05 6.31
N PHE A 3 -31.03 -31.28 6.47
CA PHE A 3 -30.36 -31.39 7.75
C PHE A 3 -30.00 -30.04 8.35
N GLY A 4 -29.83 -30.04 9.67
CA GLY A 4 -29.28 -28.92 10.43
C GLY A 4 -27.78 -29.19 10.45
N ARG A 5 -26.94 -28.16 10.62
CA ARG A 5 -25.49 -28.38 10.58
C ARG A 5 -24.97 -29.27 11.73
N CYS A 6 -25.52 -29.13 12.95
CA CYS A 6 -25.12 -29.98 14.08
C CYS A 6 -25.69 -31.39 13.92
N GLU A 7 -26.90 -31.49 13.33
CA GLU A 7 -27.60 -32.75 13.03
C GLU A 7 -26.77 -33.56 12.02
N LEU A 8 -26.22 -32.90 10.98
CA LEU A 8 -25.39 -33.57 9.96
C LEU A 8 -24.01 -33.93 10.49
N ALA A 9 -23.39 -33.03 11.29
CA ALA A 9 -22.08 -33.25 11.90
C ALA A 9 -22.06 -34.48 12.82
N ALA A 10 -23.19 -34.77 13.50
CA ALA A 10 -23.33 -35.94 14.38
C ALA A 10 -23.54 -37.22 13.56
N ALA A 11 -24.33 -37.13 12.47
CA ALA A 11 -24.61 -38.24 11.55
C ALA A 11 -23.33 -38.68 10.82
N MET A 12 -22.49 -37.70 10.41
CA MET A 12 -21.21 -37.93 9.73
C MET A 12 -20.18 -38.56 10.66
N LYS A 13 -20.23 -38.24 11.97
CA LYS A 13 -19.34 -38.80 12.98
C LYS A 13 -19.70 -40.28 13.26
N ARG A 14 -21.01 -40.60 13.29
CA ARG A 14 -21.50 -41.97 13.50
C ARG A 14 -21.27 -42.88 12.28
N HIS A 15 -20.96 -42.27 11.11
CA HIS A 15 -20.70 -43.01 9.88
C HIS A 15 -19.19 -43.11 9.58
N GLY A 16 -18.37 -42.63 10.52
CA GLY A 16 -16.90 -42.72 10.47
C GLY A 16 -16.13 -41.73 9.62
N LEU A 17 -16.69 -40.54 9.35
CA LEU A 17 -15.99 -39.54 8.52
C LEU A 17 -14.95 -38.70 9.27
N ASP A 18 -15.01 -38.64 10.63
CA ASP A 18 -14.04 -37.87 11.41
C ASP A 18 -12.63 -38.42 11.24
N ASN A 19 -11.74 -37.60 10.64
CA ASN A 19 -10.34 -37.89 10.31
C ASN A 19 -10.15 -39.01 9.27
N TYR A 20 -11.16 -39.26 8.41
CA TYR A 20 -11.05 -40.28 7.37
C TYR A 20 -10.09 -39.77 6.27
N ARG A 21 -8.95 -40.47 6.10
CA ARG A 21 -7.84 -40.16 5.16
C ARG A 21 -7.17 -38.80 5.47
N GLY A 22 -7.09 -38.47 6.76
CA GLY A 22 -6.51 -37.22 7.24
C GLY A 22 -7.37 -35.98 7.02
N TYR A 23 -8.70 -36.17 6.85
CA TYR A 23 -9.66 -35.08 6.64
C TYR A 23 -10.61 -34.97 7.82
N SER A 24 -10.40 -33.94 8.67
CA SER A 24 -11.20 -33.64 9.87
C SER A 24 -12.68 -33.43 9.53
N LEU A 25 -13.58 -33.73 10.50
CA LEU A 25 -15.05 -33.65 10.36
C LEU A 25 -15.61 -32.34 9.74
N GLY A 26 -15.03 -31.19 10.08
CA GLY A 26 -15.45 -29.89 9.57
C GLY A 26 -15.40 -29.74 8.05
N ASN A 27 -14.40 -30.39 7.41
CA ASN A 27 -14.18 -30.40 5.95
C ASN A 27 -15.37 -31.02 5.24
N TRP A 28 -15.87 -32.17 5.75
CA TRP A 28 -17.02 -32.93 5.24
C TRP A 28 -18.34 -32.16 5.39
N VAL A 29 -18.53 -31.45 6.53
CA VAL A 29 -19.70 -30.63 6.87
C VAL A 29 -19.78 -29.40 5.93
N CYS A 30 -18.64 -28.68 5.79
CA CYS A 30 -18.48 -27.51 4.93
C CYS A 30 -18.79 -27.88 3.46
N ALA A 31 -18.27 -29.04 3.00
CA ALA A 31 -18.47 -29.53 1.63
C ALA A 31 -19.93 -29.74 1.27
N ALA A 32 -20.71 -30.44 2.14
CA ALA A 32 -22.15 -30.72 1.94
C ALA A 32 -22.99 -29.44 1.90
N LYS A 33 -22.59 -28.39 2.66
CA LYS A 33 -23.27 -27.10 2.68
C LYS A 33 -23.15 -26.35 1.34
N PHE A 34 -21.94 -26.29 0.77
CA PHE A 34 -21.69 -25.59 -0.49
C PHE A 34 -21.98 -26.43 -1.75
N GLU A 35 -22.18 -27.76 -1.59
CA GLU A 35 -22.51 -28.65 -2.71
C GLU A 35 -24.03 -28.80 -2.88
N SER A 36 -24.76 -29.07 -1.77
CA SER A 36 -26.20 -29.34 -1.79
C SER A 36 -27.08 -28.45 -0.92
N ASN A 37 -26.48 -27.67 0.01
CA ASN A 37 -27.19 -26.82 1.00
C ASN A 37 -28.00 -27.72 1.97
N PHE A 38 -27.34 -28.81 2.42
CA PHE A 38 -27.80 -29.86 3.36
C PHE A 38 -29.06 -30.64 2.90
N ASN A 39 -29.35 -30.65 1.58
CA ASN A 39 -30.51 -31.37 1.02
C ASN A 39 -30.12 -32.70 0.37
N THR A 40 -30.70 -33.81 0.88
CA THR A 40 -30.48 -35.20 0.41
C THR A 40 -31.09 -35.45 -0.97
N GLN A 41 -32.10 -34.65 -1.34
CA GLN A 41 -32.82 -34.73 -2.62
C GLN A 41 -32.17 -33.90 -3.74
N ALA A 42 -31.13 -33.10 -3.44
CA ALA A 42 -30.44 -32.26 -4.42
C ALA A 42 -29.89 -33.07 -5.62
N THR A 43 -30.22 -32.62 -6.85
CA THR A 43 -29.78 -33.26 -8.10
C THR A 43 -29.51 -32.17 -9.15
N ASN A 44 -28.23 -32.03 -9.56
CA ASN A 44 -27.78 -31.03 -10.52
C ASN A 44 -27.41 -31.64 -11.87
N ARG A 45 -28.20 -31.34 -12.92
CA ARG A 45 -27.93 -31.80 -14.29
C ARG A 45 -26.88 -30.88 -14.92
N ASN A 46 -25.92 -31.47 -15.64
CA ASN A 46 -24.85 -30.71 -16.30
C ASN A 46 -25.02 -30.75 -17.81
N THR A 47 -24.49 -29.72 -18.51
CA THR A 47 -24.55 -29.59 -19.97
C THR A 47 -23.76 -30.71 -20.69
N ASP A 48 -22.83 -31.38 -19.98
CA ASP A 48 -22.01 -32.47 -20.51
C ASP A 48 -22.74 -33.85 -20.58
N GLY A 49 -24.00 -33.90 -20.13
CA GLY A 49 -24.82 -35.12 -20.14
C GLY A 49 -24.84 -35.91 -18.85
N SER A 50 -24.11 -35.46 -17.82
CA SER A 50 -24.04 -36.13 -16.51
C SER A 50 -24.83 -35.34 -15.44
N THR A 51 -25.10 -35.99 -14.29
CA THR A 51 -25.83 -35.40 -13.17
C THR A 51 -25.09 -35.70 -11.84
N ASP A 52 -25.17 -34.75 -10.88
CA ASP A 52 -24.58 -34.86 -9.53
C ASP A 52 -25.73 -35.08 -8.55
N TYR A 53 -25.72 -36.22 -7.83
CA TYR A 53 -26.82 -36.64 -6.94
C TYR A 53 -26.52 -36.60 -5.45
N GLY A 54 -27.52 -36.19 -4.67
CA GLY A 54 -27.52 -36.21 -3.21
C GLY A 54 -26.86 -35.08 -2.45
N ILE A 55 -26.72 -35.29 -1.13
CA ILE A 55 -26.13 -34.36 -0.15
C ILE A 55 -24.62 -34.07 -0.44
N LEU A 56 -23.90 -35.02 -1.08
CA LEU A 56 -22.49 -34.81 -1.44
C LEU A 56 -22.26 -34.70 -2.97
N GLN A 57 -23.36 -34.52 -3.75
CA GLN A 57 -23.36 -34.30 -5.20
C GLN A 57 -22.39 -35.24 -5.96
N ILE A 58 -22.71 -36.54 -5.97
CA ILE A 58 -21.89 -37.57 -6.60
C ILE A 58 -22.24 -37.69 -8.10
N ASN A 59 -21.21 -37.50 -8.97
CA ASN A 59 -21.31 -37.51 -10.43
C ASN A 59 -21.63 -38.89 -11.05
N SER A 60 -22.51 -38.88 -12.07
CA SER A 60 -23.01 -40.06 -12.78
C SER A 60 -22.14 -40.56 -13.96
N ARG A 61 -21.00 -39.90 -14.24
CA ARG A 61 -20.08 -40.31 -15.30
C ARG A 61 -18.96 -41.21 -14.74
N TRP A 62 -18.51 -40.93 -13.51
CA TRP A 62 -17.42 -41.69 -12.91
C TRP A 62 -17.79 -42.57 -11.72
N TRP A 63 -18.73 -42.14 -10.86
CA TRP A 63 -18.99 -42.87 -9.61
C TRP A 63 -20.30 -43.66 -9.54
N CYS A 64 -21.47 -43.06 -9.87
CA CYS A 64 -22.73 -43.82 -9.78
C CYS A 64 -23.39 -44.06 -11.14
N ASN A 65 -24.36 -44.98 -11.20
CA ASN A 65 -25.09 -45.31 -12.43
C ASN A 65 -26.54 -44.80 -12.43
N ASP A 66 -26.89 -44.00 -13.46
CA ASP A 66 -28.24 -43.44 -13.63
C ASP A 66 -28.89 -43.88 -14.95
N GLY A 67 -28.15 -44.70 -15.73
CA GLY A 67 -28.56 -45.24 -17.03
C GLY A 67 -28.92 -44.21 -18.09
N ARG A 68 -28.43 -42.96 -17.90
CA ARG A 68 -28.71 -41.80 -18.73
C ARG A 68 -27.41 -41.08 -19.21
N THR A 69 -26.26 -41.38 -18.57
CA THR A 69 -24.96 -40.76 -18.88
C THR A 69 -24.12 -41.60 -19.86
N PRO A 70 -23.84 -41.12 -21.10
CA PRO A 70 -23.01 -41.90 -22.03
C PRO A 70 -21.53 -41.91 -21.65
N GLY A 71 -20.94 -43.11 -21.57
CA GLY A 71 -19.54 -43.27 -21.18
C GLY A 71 -19.33 -43.46 -19.67
N SER A 72 -20.42 -43.87 -18.97
CA SER A 72 -20.48 -44.16 -17.53
C SER A 72 -19.52 -45.30 -17.13
N ARG A 73 -18.84 -45.14 -15.97
CA ARG A 73 -17.87 -46.10 -15.44
C ARG A 73 -18.32 -46.82 -14.16
N ASN A 74 -19.18 -46.16 -13.35
CA ASN A 74 -19.75 -46.67 -12.08
C ASN A 74 -18.67 -47.29 -11.15
N LEU A 75 -17.68 -46.47 -10.76
CA LEU A 75 -16.58 -46.92 -9.89
C LEU A 75 -17.02 -47.18 -8.44
N CYS A 76 -18.17 -46.61 -8.00
CA CYS A 76 -18.69 -46.82 -6.64
C CYS A 76 -19.55 -48.09 -6.56
N ASN A 77 -19.95 -48.65 -7.73
CA ASN A 77 -20.79 -49.83 -7.90
C ASN A 77 -22.16 -49.72 -7.19
N ILE A 78 -22.91 -48.63 -7.50
CA ILE A 78 -24.24 -48.34 -6.93
C ILE A 78 -25.14 -47.50 -7.87
N PRO A 79 -26.49 -47.69 -7.83
CA PRO A 79 -27.35 -46.79 -8.63
C PRO A 79 -27.43 -45.40 -8.00
N CYS A 80 -27.46 -44.33 -8.84
CA CYS A 80 -27.53 -42.94 -8.36
C CYS A 80 -28.76 -42.67 -7.47
N SER A 81 -29.85 -43.46 -7.64
CA SER A 81 -31.09 -43.39 -6.86
C SER A 81 -30.87 -43.68 -5.36
N ALA A 82 -29.90 -44.57 -5.02
CA ALA A 82 -29.55 -44.94 -3.63
C ALA A 82 -28.94 -43.75 -2.86
N LEU A 83 -28.33 -42.80 -3.60
CA LEU A 83 -27.70 -41.60 -3.07
C LEU A 83 -28.69 -40.43 -2.82
N LEU A 84 -29.99 -40.63 -3.17
CA LEU A 84 -31.04 -39.62 -2.96
C LEU A 84 -31.86 -39.95 -1.68
N SER A 85 -31.37 -40.94 -0.90
CA SER A 85 -32.01 -41.42 0.32
C SER A 85 -31.81 -40.47 1.51
N SER A 86 -32.74 -40.53 2.51
CA SER A 86 -32.66 -39.74 3.75
C SER A 86 -31.58 -40.31 4.69
N ASP A 87 -31.16 -41.58 4.45
CA ASP A 87 -30.10 -42.31 5.15
C ASP A 87 -28.82 -42.04 4.35
N ILE A 88 -27.87 -41.31 4.95
CA ILE A 88 -26.61 -40.87 4.32
C ILE A 88 -25.57 -41.98 4.10
N THR A 89 -25.81 -43.23 4.62
CA THR A 89 -24.90 -44.38 4.53
C THR A 89 -24.29 -44.60 3.12
N ALA A 90 -25.15 -44.73 2.08
CA ALA A 90 -24.71 -44.94 0.69
C ALA A 90 -23.83 -43.79 0.15
N SER A 91 -24.19 -42.52 0.46
CA SER A 91 -23.43 -41.33 0.06
C SER A 91 -22.06 -41.26 0.75
N VAL A 92 -21.99 -41.62 2.06
CA VAL A 92 -20.77 -41.65 2.89
C VAL A 92 -19.78 -42.70 2.37
N ASN A 93 -20.26 -43.93 2.09
CA ASN A 93 -19.48 -45.06 1.57
C ASN A 93 -18.88 -44.78 0.19
N CYS A 94 -19.63 -44.06 -0.68
CA CYS A 94 -19.14 -43.69 -2.01
C CYS A 94 -18.12 -42.55 -1.88
N ALA A 95 -18.34 -41.62 -0.92
CA ALA A 95 -17.44 -40.49 -0.62
C ALA A 95 -16.08 -40.97 -0.08
N LYS A 96 -16.07 -42.08 0.68
CA LYS A 96 -14.88 -42.73 1.24
C LYS A 96 -13.98 -43.29 0.13
N LYS A 97 -14.61 -43.79 -0.94
CA LYS A 97 -13.94 -44.34 -2.12
C LYS A 97 -13.40 -43.20 -3.02
N ILE A 98 -14.19 -42.11 -3.18
CA ILE A 98 -13.82 -40.92 -3.98
C ILE A 98 -12.57 -40.22 -3.44
N VAL A 99 -12.58 -39.89 -2.16
CA VAL A 99 -11.49 -39.15 -1.53
C VAL A 99 -10.20 -39.97 -1.49
N SER A 100 -10.31 -41.27 -1.75
CA SER A 100 -9.14 -42.14 -1.77
C SER A 100 -8.41 -42.06 -3.10
N ASP A 101 -9.01 -41.35 -4.05
CA ASP A 101 -8.37 -41.10 -5.35
C ASP A 101 -7.33 -39.99 -5.24
N GLY A 102 -6.58 -39.77 -6.30
CA GLY A 102 -5.49 -38.81 -6.31
C GLY A 102 -5.89 -37.36 -6.11
N ASN A 103 -7.14 -37.05 -6.39
CA ASN A 103 -7.67 -35.70 -6.22
C ASN A 103 -7.95 -35.35 -4.76
N GLY A 104 -8.18 -36.36 -3.91
CA GLY A 104 -8.52 -36.18 -2.50
C GLY A 104 -9.87 -35.50 -2.40
N MET A 105 -10.00 -34.48 -1.52
CA MET A 105 -11.24 -33.73 -1.35
C MET A 105 -11.46 -32.66 -2.46
N ASN A 106 -10.43 -32.39 -3.29
CA ASN A 106 -10.52 -31.44 -4.42
C ASN A 106 -11.50 -31.93 -5.49
N ALA A 107 -11.88 -33.23 -5.46
CA ALA A 107 -12.87 -33.85 -6.34
C ALA A 107 -14.21 -33.11 -6.20
N TRP A 108 -14.43 -32.47 -5.03
CA TRP A 108 -15.57 -31.62 -4.70
C TRP A 108 -15.15 -30.16 -4.99
N VAL A 109 -15.61 -29.63 -6.14
CA VAL A 109 -15.32 -28.27 -6.63
C VAL A 109 -15.60 -27.19 -5.56
N ALA A 110 -16.78 -27.26 -4.91
CA ALA A 110 -17.19 -26.33 -3.85
C ALA A 110 -16.31 -26.41 -2.61
N TRP A 111 -15.72 -27.60 -2.30
CA TRP A 111 -14.80 -27.76 -1.17
C TRP A 111 -13.49 -27.02 -1.47
N ARG A 112 -12.92 -27.22 -2.67
CA ARG A 112 -11.68 -26.54 -3.09
C ARG A 112 -11.89 -25.00 -3.05
N ASN A 113 -12.96 -24.50 -3.70
CA ASN A 113 -13.28 -23.07 -3.78
C ASN A 113 -13.67 -22.38 -2.47
N ARG A 114 -14.44 -23.06 -1.58
CA ARG A 114 -14.98 -22.43 -0.37
C ARG A 114 -14.53 -23.00 1.00
N CYS A 115 -13.98 -24.22 1.05
CA CYS A 115 -13.62 -24.85 2.33
C CYS A 115 -12.12 -25.03 2.56
N LYS A 116 -11.38 -25.49 1.52
CA LYS A 116 -9.92 -25.73 1.55
C LYS A 116 -9.14 -24.51 2.05
N GLY A 117 -8.35 -24.70 3.11
CA GLY A 117 -7.52 -23.67 3.70
C GLY A 117 -8.21 -22.68 4.63
N THR A 118 -9.47 -22.94 4.99
CA THR A 118 -10.24 -22.08 5.91
C THR A 118 -10.37 -22.76 7.28
N ASP A 119 -11.01 -22.08 8.27
CA ASP A 119 -11.25 -22.64 9.60
C ASP A 119 -12.50 -23.51 9.53
N VAL A 120 -12.31 -24.77 9.09
CA VAL A 120 -13.37 -25.78 8.94
C VAL A 120 -13.98 -26.20 10.27
N GLN A 121 -13.19 -26.09 11.37
CA GLN A 121 -13.59 -26.44 12.74
C GLN A 121 -14.86 -25.67 13.18
N ALA A 122 -15.04 -24.44 12.65
CA ALA A 122 -16.19 -23.57 12.91
C ALA A 122 -17.55 -24.20 12.55
N TRP A 123 -17.56 -25.13 11.58
CA TRP A 123 -18.75 -25.84 11.12
C TRP A 123 -19.25 -26.90 12.12
N ILE A 124 -18.35 -27.43 12.96
CA ILE A 124 -18.67 -28.44 13.98
C ILE A 124 -18.65 -27.84 15.41
N ARG A 125 -18.39 -26.52 15.51
CA ARG A 125 -18.33 -25.78 16.78
C ARG A 125 -19.73 -25.42 17.28
N GLY A 126 -19.96 -25.66 18.57
CA GLY A 126 -21.23 -25.41 19.24
C GLY A 126 -22.21 -26.56 19.19
N CYS A 127 -21.74 -27.76 18.76
CA CYS A 127 -22.56 -28.97 18.65
C CYS A 127 -22.32 -29.91 19.84
N LYS B 1 -45.25 -11.16 16.06
CA LYS B 1 -45.22 -11.32 14.61
C LYS B 1 -43.83 -11.04 14.04
N VAL B 2 -43.34 -11.94 13.16
CA VAL B 2 -42.06 -11.79 12.47
C VAL B 2 -42.38 -11.60 10.97
N PHE B 3 -42.01 -10.44 10.44
CA PHE B 3 -42.23 -10.06 9.05
C PHE B 3 -41.15 -10.59 8.12
N GLY B 4 -41.51 -10.69 6.85
CA GLY B 4 -40.59 -10.97 5.76
C GLY B 4 -40.14 -9.60 5.30
N ARG B 5 -38.96 -9.47 4.66
CA ARG B 5 -38.46 -8.15 4.26
C ARG B 5 -39.35 -7.47 3.19
N CYS B 6 -39.88 -8.23 2.22
CA CYS B 6 -40.78 -7.67 1.19
C CYS B 6 -42.16 -7.37 1.80
N GLU B 7 -42.59 -8.20 2.76
CA GLU B 7 -43.84 -8.05 3.51
C GLU B 7 -43.81 -6.74 4.33
N LEU B 8 -42.67 -6.44 4.98
CA LEU B 8 -42.51 -5.22 5.78
C LEU B 8 -42.35 -3.98 4.89
N ALA B 9 -41.60 -4.09 3.78
CA ALA B 9 -41.38 -3.01 2.81
C ALA B 9 -42.69 -2.51 2.20
N ALA B 10 -43.68 -3.42 1.99
CA ALA B 10 -45.00 -3.09 1.45
C ALA B 10 -45.87 -2.42 2.51
N ALA B 11 -45.80 -2.93 3.78
CA ALA B 11 -46.54 -2.39 4.92
C ALA B 11 -46.07 -0.96 5.25
N MET B 12 -44.75 -0.71 5.16
CA MET B 12 -44.15 0.61 5.41
C MET B 12 -44.50 1.62 4.32
N LYS B 13 -44.70 1.15 3.07
CA LYS B 13 -45.09 1.99 1.94
C LYS B 13 -46.57 2.42 2.08
N ARG B 14 -47.44 1.50 2.56
CA ARG B 14 -48.87 1.78 2.79
C ARG B 14 -49.10 2.68 4.01
N HIS B 15 -48.07 2.83 4.87
CA HIS B 15 -48.15 3.68 6.06
C HIS B 15 -47.47 5.05 5.85
N GLY B 16 -47.01 5.30 4.62
CA GLY B 16 -46.42 6.56 4.18
C GLY B 16 -44.95 6.84 4.51
N LEU B 17 -44.14 5.80 4.73
CA LEU B 17 -42.72 6.00 5.08
C LEU B 17 -41.81 6.29 3.87
N ASP B 18 -42.23 5.95 2.63
CA ASP B 18 -41.41 6.19 1.44
C ASP B 18 -41.18 7.69 1.23
N ASN B 19 -39.90 8.10 1.33
CA ASN B 19 -39.37 9.47 1.23
C ASN B 19 -39.85 10.42 2.35
N TYR B 20 -40.28 9.88 3.51
CA TYR B 20 -40.72 10.71 4.65
C TYR B 20 -39.50 11.44 5.23
N ARG B 21 -39.50 12.80 5.13
CA ARG B 21 -38.45 13.73 5.56
C ARG B 21 -37.14 13.52 4.78
N GLY B 22 -37.28 13.13 3.51
CA GLY B 22 -36.17 12.89 2.60
C GLY B 22 -35.49 11.55 2.80
N TYR B 23 -36.11 10.62 3.56
CA TYR B 23 -35.55 9.29 3.80
C TYR B 23 -36.29 8.22 3.00
N SER B 24 -35.65 7.72 1.92
CA SER B 24 -36.19 6.66 1.04
C SER B 24 -36.51 5.38 1.84
N LEU B 25 -37.48 4.58 1.33
CA LEU B 25 -38.02 3.35 1.93
C LEU B 25 -36.97 2.34 2.45
N GLY B 26 -35.86 2.18 1.73
CA GLY B 26 -34.78 1.26 2.10
C GLY B 26 -34.14 1.51 3.46
N ASN B 27 -34.07 2.80 3.86
CA ASN B 27 -33.52 3.27 5.14
C ASN B 27 -34.32 2.74 6.31
N TRP B 28 -35.67 2.74 6.20
CA TRP B 28 -36.64 2.30 7.19
C TRP B 28 -36.67 0.76 7.36
N VAL B 29 -36.56 0.02 6.24
CA VAL B 29 -36.54 -1.46 6.16
C VAL B 29 -35.26 -2.00 6.81
N CYS B 30 -34.09 -1.42 6.45
CA CYS B 30 -32.77 -1.75 6.97
C CYS B 30 -32.71 -1.52 8.49
N ALA B 31 -33.28 -0.38 8.97
CA ALA B 31 -33.31 -0.01 10.39
C ALA B 31 -34.04 -1.05 11.26
N ALA B 32 -35.25 -1.49 10.84
CA ALA B 32 -36.06 -2.49 11.56
C ALA B 32 -35.37 -3.86 11.65
N LYS B 33 -34.56 -4.23 10.62
CA LYS B 33 -33.80 -5.48 10.57
C LYS B 33 -32.69 -5.51 11.64
N PHE B 34 -31.91 -4.43 11.74
CA PHE B 34 -30.80 -4.36 12.70
C PHE B 34 -31.21 -3.91 14.11
N GLU B 35 -32.45 -3.39 14.27
CA GLU B 35 -32.97 -2.99 15.58
C GLU B 35 -33.72 -4.14 16.29
N SER B 36 -34.63 -4.82 15.56
CA SER B 36 -35.49 -5.87 16.11
C SER B 36 -35.44 -7.25 15.42
N ASN B 37 -34.82 -7.34 14.22
CA ASN B 37 -34.77 -8.55 13.39
C ASN B 37 -36.21 -8.94 12.93
N PHE B 38 -36.97 -7.91 12.49
CA PHE B 38 -38.35 -7.92 11.98
C PHE B 38 -39.41 -8.46 12.97
N ASN B 39 -39.13 -8.45 14.29
CA ASN B 39 -40.05 -8.93 15.32
C ASN B 39 -40.76 -7.78 16.05
N THR B 40 -42.11 -7.77 15.98
CA THR B 40 -43.00 -6.77 16.60
C THR B 40 -43.02 -6.88 18.13
N GLN B 41 -42.70 -8.07 18.66
CA GLN B 41 -42.68 -8.38 20.09
C GLN B 41 -41.32 -8.08 20.75
N ALA B 42 -40.29 -7.70 19.97
CA ALA B 42 -38.94 -7.39 20.50
C ALA B 42 -38.96 -6.30 21.58
N THR B 43 -38.40 -6.61 22.76
CA THR B 43 -38.28 -5.69 23.92
C THR B 43 -36.88 -5.85 24.51
N ASN B 44 -36.12 -4.74 24.55
CA ASN B 44 -34.75 -4.70 25.06
C ASN B 44 -34.61 -3.81 26.29
N ARG B 45 -34.40 -4.43 27.47
CA ARG B 45 -34.21 -3.72 28.75
C ARG B 45 -32.77 -3.20 28.80
N ASN B 46 -32.60 -1.96 29.26
CA ASN B 46 -31.28 -1.33 29.34
C ASN B 46 -30.89 -1.15 30.81
N THR B 47 -29.57 -1.15 31.09
CA THR B 47 -28.99 -0.98 32.43
C THR B 47 -29.32 0.40 33.04
N ASP B 48 -29.70 1.39 32.20
CA ASP B 48 -30.04 2.75 32.63
C ASP B 48 -31.50 2.88 33.18
N GLY B 49 -32.25 1.78 33.21
CA GLY B 49 -33.64 1.76 33.72
C GLY B 49 -34.74 1.90 32.68
N SER B 50 -34.37 2.08 31.40
CA SER B 50 -35.31 2.22 30.29
C SER B 50 -35.38 0.95 29.43
N THR B 51 -36.42 0.85 28.58
CA THR B 51 -36.63 -0.29 27.69
C THR B 51 -36.98 0.20 26.27
N ASP B 52 -36.54 -0.55 25.24
CA ASP B 52 -36.80 -0.29 23.82
C ASP B 52 -37.87 -1.29 23.37
N TYR B 53 -39.02 -0.79 22.88
CA TYR B 53 -40.16 -1.63 22.51
C TYR B 53 -40.52 -1.65 21.03
N GLY B 54 -40.79 -2.86 20.53
CA GLY B 54 -41.29 -3.11 19.18
C GLY B 54 -40.31 -3.31 18.04
N ILE B 55 -40.87 -3.31 16.81
CA ILE B 55 -40.16 -3.49 15.52
C ILE B 55 -39.15 -2.34 15.24
N LEU B 56 -39.42 -1.13 15.77
CA LEU B 56 -38.52 0.03 15.59
C LEU B 56 -37.82 0.46 16.90
N GLN B 57 -37.86 -0.42 17.94
CA GLN B 57 -37.24 -0.26 19.26
C GLN B 57 -37.31 1.19 19.83
N ILE B 58 -38.54 1.63 20.16
CA ILE B 58 -38.81 2.97 20.68
C ILE B 58 -38.55 3.00 22.20
N ASN B 59 -37.66 3.90 22.63
CA ASN B 59 -37.20 4.09 24.01
C ASN B 59 -38.28 4.66 24.96
N SER B 60 -38.31 4.14 26.20
CA SER B 60 -39.28 4.46 27.26
C SER B 60 -38.95 5.69 28.13
N ARG B 61 -37.80 6.34 27.89
CA ARG B 61 -37.36 7.53 28.62
C ARG B 61 -37.76 8.83 27.89
N TRP B 62 -37.68 8.84 26.54
CA TRP B 62 -38.00 10.05 25.77
C TRP B 62 -39.26 9.96 24.91
N TRP B 63 -39.67 8.77 24.45
CA TRP B 63 -40.79 8.70 23.52
C TRP B 63 -42.08 8.00 24.03
N CYS B 64 -42.00 6.80 24.64
CA CYS B 64 -43.24 6.13 25.10
C CYS B 64 -43.30 5.93 26.62
N ASN B 65 -44.50 5.68 27.17
CA ASN B 65 -44.69 5.46 28.61
C ASN B 65 -44.92 3.98 28.96
N ASP B 66 -44.05 3.43 29.84
CA ASP B 66 -44.14 2.03 30.30
C ASP B 66 -44.42 1.92 31.81
N GLY B 67 -44.49 3.07 32.48
CA GLY B 67 -44.75 3.17 33.91
C GLY B 67 -43.67 2.66 34.84
N ARG B 68 -42.44 2.40 34.32
CA ARG B 68 -41.32 1.88 35.10
C ARG B 68 -39.95 2.53 34.76
N THR B 69 -39.98 3.71 34.11
CA THR B 69 -38.76 4.45 33.74
C THR B 69 -38.70 5.79 34.49
N PRO B 70 -37.76 6.00 35.43
CA PRO B 70 -37.69 7.30 36.14
C PRO B 70 -37.25 8.41 35.19
N GLY B 71 -37.80 9.63 35.37
CA GLY B 71 -37.50 10.76 34.50
C GLY B 71 -38.09 10.66 33.10
N SER B 72 -39.18 9.91 32.95
CA SER B 72 -39.89 9.66 31.69
C SER B 72 -40.57 10.93 31.12
N ARG B 73 -40.34 11.17 29.83
CA ARG B 73 -40.93 12.24 29.00
C ARG B 73 -41.72 11.49 27.93
N ASN B 74 -43.03 11.63 27.90
CA ASN B 74 -43.85 10.91 26.92
C ASN B 74 -44.10 11.80 25.69
N LEU B 75 -43.03 12.05 24.90
CA LEU B 75 -43.07 12.94 23.73
C LEU B 75 -43.93 12.42 22.56
N CYS B 76 -44.09 11.09 22.43
CA CYS B 76 -44.94 10.50 21.38
C CYS B 76 -46.42 10.44 21.84
N ASN B 77 -46.67 10.63 23.16
CA ASN B 77 -47.99 10.59 23.83
C ASN B 77 -48.73 9.24 23.63
N ILE B 78 -48.05 8.11 23.92
CA ILE B 78 -48.61 6.75 23.78
C ILE B 78 -48.01 5.74 24.79
N PRO B 79 -48.79 4.71 25.22
CA PRO B 79 -48.18 3.68 26.08
C PRO B 79 -47.26 2.76 25.26
N CYS B 80 -46.11 2.32 25.84
CA CYS B 80 -45.15 1.43 25.17
C CYS B 80 -45.78 0.10 24.70
N SER B 81 -46.87 -0.34 25.37
CA SER B 81 -47.63 -1.56 25.05
C SER B 81 -48.27 -1.51 23.65
N ALA B 82 -48.68 -0.30 23.18
CA ALA B 82 -49.28 -0.08 21.85
C ALA B 82 -48.28 -0.36 20.72
N LEU B 83 -46.98 -0.21 21.02
CA LEU B 83 -45.88 -0.43 20.09
C LEU B 83 -45.44 -1.91 19.98
N LEU B 84 -46.07 -2.81 20.76
CA LEU B 84 -45.79 -4.26 20.72
C LEU B 84 -46.86 -5.00 19.89
N SER B 85 -47.71 -4.23 19.19
CA SER B 85 -48.81 -4.73 18.36
C SER B 85 -48.33 -5.30 17.02
N SER B 86 -49.13 -6.21 16.42
CA SER B 86 -48.85 -6.79 15.10
C SER B 86 -49.14 -5.76 13.97
N ASP B 87 -49.92 -4.71 14.31
CA ASP B 87 -50.27 -3.57 13.45
C ASP B 87 -49.20 -2.51 13.71
N ILE B 88 -48.36 -2.22 12.70
CA ILE B 88 -47.22 -1.30 12.79
C ILE B 88 -47.59 0.20 12.85
N THR B 89 -48.90 0.56 12.68
CA THR B 89 -49.42 1.94 12.68
C THR B 89 -48.85 2.82 13.81
N ALA B 90 -49.00 2.40 15.08
CA ALA B 90 -48.52 3.14 16.26
C ALA B 90 -47.00 3.36 16.25
N SER B 91 -46.21 2.34 15.83
CA SER B 91 -44.75 2.41 15.73
C SER B 91 -44.30 3.38 14.62
N VAL B 92 -45.01 3.37 13.46
CA VAL B 92 -44.75 4.24 12.30
C VAL B 92 -45.02 5.72 12.64
N ASN B 93 -46.16 6.01 13.28
CA ASN B 93 -46.57 7.36 13.70
C ASN B 93 -45.61 7.98 14.73
N CYS B 94 -45.06 7.16 15.65
CA CYS B 94 -44.09 7.62 16.65
C CYS B 94 -42.74 7.84 15.96
N ALA B 95 -42.38 6.98 14.98
CA ALA B 95 -41.14 7.07 14.18
C ALA B 95 -41.10 8.35 13.31
N LYS B 96 -42.27 8.80 12.83
CA LYS B 96 -42.45 10.02 12.04
C LYS B 96 -42.14 11.27 12.86
N LYS B 97 -42.50 11.23 14.16
CA LYS B 97 -42.26 12.29 15.12
C LYS B 97 -40.76 12.30 15.55
N ILE B 98 -40.19 11.13 15.77
CA ILE B 98 -38.80 11.01 16.19
C ILE B 98 -37.85 11.52 15.11
N VAL B 99 -38.00 11.01 13.89
CA VAL B 99 -37.13 11.39 12.79
C VAL B 99 -37.18 12.89 12.49
N SER B 100 -38.18 13.58 13.02
CA SER B 100 -38.33 15.01 12.80
C SER B 100 -37.46 15.84 13.75
N ASP B 101 -36.83 15.17 14.71
CA ASP B 101 -35.90 15.84 15.61
C ASP B 101 -34.56 16.07 14.94
N GLY B 102 -33.69 16.80 15.61
CA GLY B 102 -32.40 17.19 15.08
C GLY B 102 -31.46 16.04 14.78
N ASN B 103 -31.72 14.88 15.40
CA ASN B 103 -30.90 13.68 15.17
C ASN B 103 -31.22 13.00 13.83
N GLY B 104 -32.45 13.19 13.33
CA GLY B 104 -32.92 12.53 12.11
C GLY B 104 -33.00 11.04 12.34
N MET B 105 -32.53 10.23 11.37
CA MET B 105 -32.53 8.77 11.51
C MET B 105 -31.36 8.23 12.39
N ASN B 106 -30.39 9.11 12.75
CA ASN B 106 -29.27 8.74 13.64
C ASN B 106 -29.76 8.39 15.05
N ALA B 107 -31.02 8.77 15.40
CA ALA B 107 -31.67 8.45 16.68
C ALA B 107 -31.73 6.92 16.86
N TRP B 108 -31.68 6.18 15.72
CA TRP B 108 -31.61 4.72 15.64
C TRP B 108 -30.13 4.35 15.48
N VAL B 109 -29.51 3.92 16.60
CA VAL B 109 -28.09 3.51 16.71
C VAL B 109 -27.70 2.51 15.61
N ALA B 110 -28.50 1.46 15.41
CA ALA B 110 -28.27 0.41 14.40
C ALA B 110 -28.35 0.94 12.97
N TRP B 111 -29.17 2.00 12.72
CA TRP B 111 -29.26 2.63 11.40
C TRP B 111 -27.96 3.38 11.09
N ARG B 112 -27.47 4.19 12.04
CA ARG B 112 -26.22 4.93 11.88
C ARG B 112 -25.04 3.95 11.63
N ASN B 113 -24.91 2.91 12.49
CA ASN B 113 -23.83 1.92 12.40
C ASN B 113 -23.88 0.97 11.20
N ARG B 114 -25.08 0.53 10.76
CA ARG B 114 -25.20 -0.49 9.71
C ARG B 114 -25.93 -0.08 8.40
N CYS B 115 -26.72 1.01 8.39
CA CYS B 115 -27.50 1.39 7.21
C CYS B 115 -27.04 2.68 6.54
N LYS B 116 -26.74 3.74 7.33
CA LYS B 116 -26.29 5.06 6.86
C LYS B 116 -25.09 4.97 5.91
N GLY B 117 -25.24 5.52 4.71
CA GLY B 117 -24.19 5.55 3.69
C GLY B 117 -23.98 4.28 2.90
N THR B 118 -24.90 3.30 3.02
CA THR B 118 -24.82 2.03 2.27
C THR B 118 -25.90 2.02 1.16
N ASP B 119 -25.94 0.95 0.34
CA ASP B 119 -26.94 0.79 -0.70
C ASP B 119 -28.22 0.23 -0.06
N VAL B 120 -29.01 1.14 0.53
CA VAL B 120 -30.27 0.85 1.23
C VAL B 120 -31.37 0.34 0.28
N GLN B 121 -31.27 0.67 -1.03
CA GLN B 121 -32.20 0.27 -2.10
C GLN B 121 -32.28 -1.27 -2.23
N ALA B 122 -31.17 -1.97 -1.90
CA ALA B 122 -31.05 -3.44 -1.92
C ALA B 122 -32.07 -4.15 -1.02
N TRP B 123 -32.53 -3.48 0.07
CA TRP B 123 -33.51 -4.00 1.02
C TRP B 123 -34.94 -4.05 0.46
N ILE B 124 -35.25 -3.19 -0.52
CA ILE B 124 -36.57 -3.11 -1.17
C ILE B 124 -36.53 -3.69 -2.60
N ARG B 125 -35.36 -4.20 -3.03
CA ARG B 125 -35.13 -4.78 -4.35
C ARG B 125 -35.63 -6.23 -4.43
N GLY B 126 -36.37 -6.55 -5.49
CA GLY B 126 -36.95 -7.86 -5.72
C GLY B 126 -38.33 -8.05 -5.13
N CYS B 127 -38.97 -6.95 -4.68
CA CYS B 127 -40.31 -6.98 -4.07
C CYS B 127 -41.37 -6.51 -5.07
N VAL C 2 -12.09 10.64 -8.73
CA VAL C 2 -12.81 11.37 -7.69
C VAL C 2 -11.98 12.58 -7.24
N GLN C 3 -12.51 13.79 -7.45
CA GLN C 3 -11.86 15.06 -7.11
C GLN C 3 -12.77 16.02 -6.35
N LEU C 4 -12.18 16.78 -5.41
CA LEU C 4 -12.85 17.81 -4.62
C LEU C 4 -11.93 19.02 -4.54
N VAL C 5 -12.33 20.12 -5.20
CA VAL C 5 -11.54 21.37 -5.22
C VAL C 5 -12.32 22.51 -4.55
N GLU C 6 -11.78 23.00 -3.41
CA GLU C 6 -12.38 24.08 -2.63
C GLU C 6 -11.79 25.46 -2.99
N SER C 7 -12.68 26.47 -3.04
CA SER C 7 -12.35 27.87 -3.34
C SER C 7 -13.22 28.82 -2.49
N GLY C 8 -12.81 30.09 -2.45
CA GLY C 8 -13.52 31.13 -1.71
C GLY C 8 -12.89 31.50 -0.38
N GLY C 9 -11.73 30.91 -0.08
CA GLY C 9 -11.00 31.16 1.15
C GLY C 9 -10.10 32.37 1.06
N GLY C 10 -10.04 33.14 2.14
CA GLY C 10 -9.21 34.33 2.24
C GLY C 10 -9.42 35.14 3.50
N LEU C 11 -9.01 36.42 3.45
CA LEU C 11 -9.11 37.36 4.55
C LEU C 11 -10.48 38.04 4.62
N VAL C 12 -11.07 38.09 5.83
CA VAL C 12 -12.35 38.73 6.15
C VAL C 12 -12.23 39.43 7.51
N GLN C 13 -12.96 40.54 7.69
CA GLN C 13 -12.95 41.32 8.94
C GLN C 13 -13.92 40.68 9.96
N PRO C 14 -13.69 40.81 11.30
CA PRO C 14 -14.64 40.21 12.28
C PRO C 14 -16.07 40.74 12.15
N GLY C 15 -17.02 39.81 12.12
CA GLY C 15 -18.45 40.09 11.97
C GLY C 15 -18.92 40.09 10.52
N GLY C 16 -18.00 39.84 9.61
CA GLY C 16 -18.26 39.82 8.17
C GLY C 16 -18.52 38.45 7.58
N PRO C 17 -19.11 38.39 6.36
CA PRO C 17 -19.42 37.09 5.75
C PRO C 17 -18.38 36.58 4.75
N LEU C 18 -18.52 35.30 4.35
CA LEU C 18 -17.69 34.60 3.36
C LEU C 18 -18.45 33.35 2.90
N ARG C 19 -18.37 33.06 1.59
CA ARG C 19 -19.04 31.91 0.97
C ARG C 19 -18.00 31.00 0.32
N LEU C 20 -17.97 29.72 0.77
CA LEU C 20 -17.04 28.71 0.24
C LEU C 20 -17.72 27.83 -0.80
N SER C 21 -16.93 27.37 -1.79
CA SER C 21 -17.40 26.47 -2.86
C SER C 21 -16.58 25.21 -2.87
N CYS C 22 -17.16 24.12 -3.39
CA CYS C 22 -16.51 22.81 -3.52
C CYS C 22 -17.00 22.14 -4.80
N ALA C 23 -16.18 22.19 -5.86
CA ALA C 23 -16.50 21.60 -7.16
C ALA C 23 -16.05 20.13 -7.25
N ALA C 24 -17.02 19.22 -7.48
CA ALA C 24 -16.80 17.78 -7.58
C ALA C 24 -16.77 17.27 -9.02
N SER C 25 -16.02 16.18 -9.26
CA SER C 25 -15.87 15.50 -10.55
C SER C 25 -15.43 14.04 -10.33
N GLY C 26 -16.13 13.11 -10.96
CA GLY C 26 -15.87 11.68 -10.84
C GLY C 26 -16.93 10.93 -10.05
N PHE C 27 -17.90 11.68 -9.49
CA PHE C 27 -19.04 11.21 -8.70
C PHE C 27 -20.14 12.29 -8.67
N THR C 28 -21.34 11.94 -8.17
CA THR C 28 -22.47 12.86 -8.09
C THR C 28 -22.79 13.20 -6.62
N ILE C 29 -22.79 14.51 -6.28
CA ILE C 29 -23.06 15.05 -4.93
C ILE C 29 -24.48 14.67 -4.45
N SER C 30 -25.50 14.81 -5.33
CA SER C 30 -26.90 14.50 -5.04
C SER C 30 -27.15 13.04 -4.59
N SER C 31 -26.23 12.13 -4.92
CA SER C 31 -26.32 10.70 -4.56
C SER C 31 -25.40 10.31 -3.38
N ASN C 32 -24.69 11.29 -2.78
CA ASN C 32 -23.75 11.06 -1.67
C ASN C 32 -23.98 11.94 -0.42
N TYR C 33 -23.45 11.47 0.73
CA TYR C 33 -23.49 12.15 2.02
C TYR C 33 -22.22 13.03 2.08
N MET C 34 -22.41 14.36 2.04
CA MET C 34 -21.30 15.31 2.05
C MET C 34 -21.21 16.06 3.37
N SER C 35 -19.98 16.51 3.72
CA SER C 35 -19.74 17.26 4.96
C SER C 35 -18.60 18.30 4.85
N TRP C 36 -18.53 19.21 5.84
CA TRP C 36 -17.48 20.21 5.99
C TRP C 36 -16.82 19.97 7.36
N VAL C 37 -15.48 19.90 7.38
CA VAL C 37 -14.68 19.68 8.59
C VAL C 37 -13.59 20.77 8.63
N ARG C 38 -13.39 21.42 9.79
CA ARG C 38 -12.36 22.46 9.89
C ARG C 38 -11.24 22.11 10.89
N GLN C 39 -10.06 22.75 10.72
CA GLN C 39 -8.90 22.56 11.58
C GLN C 39 -8.12 23.89 11.73
N ALA C 40 -8.12 24.45 12.95
CA ALA C 40 -7.41 25.69 13.27
C ALA C 40 -5.89 25.41 13.30
N PRO C 41 -5.01 26.39 12.95
CA PRO C 41 -3.54 26.12 12.95
C PRO C 41 -3.00 25.51 14.24
N GLY C 42 -2.40 24.33 14.09
CA GLY C 42 -1.82 23.55 15.18
C GLY C 42 -2.83 22.97 16.16
N LYS C 43 -4.11 22.88 15.75
CA LYS C 43 -5.20 22.35 16.59
C LYS C 43 -5.82 21.07 15.99
N GLY C 44 -6.84 20.53 16.66
CA GLY C 44 -7.54 19.33 16.23
C GLY C 44 -8.64 19.54 15.21
N LEU C 45 -9.21 18.43 14.74
CA LEU C 45 -10.30 18.47 13.77
C LEU C 45 -11.64 18.79 14.42
N GLU C 46 -12.46 19.56 13.72
CA GLU C 46 -13.80 19.89 14.20
C GLU C 46 -14.84 19.75 13.09
N TRP C 47 -15.86 18.94 13.36
CA TRP C 47 -16.96 18.75 12.41
C TRP C 47 -17.81 20.01 12.37
N VAL C 48 -18.20 20.44 11.17
CA VAL C 48 -18.96 21.68 11.03
C VAL C 48 -20.40 21.46 10.62
N SER C 49 -20.61 20.84 9.45
CA SER C 49 -21.93 20.64 8.87
C SER C 49 -21.98 19.42 7.95
N ALA C 50 -23.19 18.96 7.62
CA ALA C 50 -23.45 17.81 6.74
C ALA C 50 -24.73 17.96 5.91
N ILE C 51 -24.73 17.39 4.69
CA ILE C 51 -25.86 17.36 3.76
C ILE C 51 -26.06 15.92 3.26
N TYR C 52 -27.21 15.33 3.60
CA TYR C 52 -27.56 13.95 3.27
C TYR C 52 -28.04 13.83 1.81
N SER C 53 -27.82 12.64 1.19
CA SER C 53 -28.21 12.35 -0.20
C SER C 53 -29.69 12.63 -0.52
N GLY C 54 -30.55 12.56 0.52
CA GLY C 54 -31.97 12.84 0.43
C GLY C 54 -32.33 14.31 0.49
N GLY C 55 -31.36 15.14 0.91
CA GLY C 55 -31.53 16.59 1.02
C GLY C 55 -31.50 17.18 2.42
N SER C 56 -31.40 16.34 3.47
CA SER C 56 -31.36 16.76 4.88
C SER C 56 -30.06 17.50 5.27
N THR C 57 -30.13 18.50 6.17
CA THR C 57 -29.00 19.34 6.60
C THR C 57 -28.84 19.36 8.13
N TYR C 58 -27.59 19.22 8.64
CA TYR C 58 -27.24 19.18 10.07
C TYR C 58 -26.02 20.06 10.40
N TYR C 59 -26.00 20.67 11.60
CA TYR C 59 -24.99 21.63 12.03
C TYR C 59 -24.46 21.43 13.45
N ALA C 60 -23.19 21.81 13.68
CA ALA C 60 -22.54 21.78 15.00
C ALA C 60 -23.03 23.02 15.79
N ASP C 61 -23.07 22.93 17.13
CA ASP C 61 -23.55 24.00 18.03
C ASP C 61 -22.74 25.29 17.96
N SER C 62 -21.41 25.19 17.74
CA SER C 62 -20.51 26.34 17.64
C SER C 62 -20.76 27.22 16.39
N VAL C 63 -21.47 26.66 15.37
CA VAL C 63 -21.75 27.34 14.10
C VAL C 63 -23.26 27.48 13.80
N LYS C 64 -24.11 26.83 14.63
CA LYS C 64 -25.58 26.82 14.52
C LYS C 64 -26.15 28.26 14.47
N GLY C 65 -27.00 28.52 13.47
CA GLY C 65 -27.64 29.81 13.28
C GLY C 65 -26.89 30.74 12.33
N ARG C 66 -25.55 30.72 12.37
CA ARG C 66 -24.69 31.57 11.54
C ARG C 66 -24.35 30.94 10.18
N PHE C 67 -24.14 29.60 10.14
CA PHE C 67 -23.75 28.86 8.94
C PHE C 67 -24.92 28.16 8.25
N THR C 68 -24.81 27.98 6.90
CA THR C 68 -25.80 27.34 6.05
C THR C 68 -25.11 26.52 4.95
N ILE C 69 -25.43 25.21 4.86
CA ILE C 69 -24.92 24.29 3.83
C ILE C 69 -25.96 24.13 2.70
N SER C 70 -25.50 24.06 1.44
CA SER C 70 -26.36 23.88 0.27
C SER C 70 -25.62 23.18 -0.86
N ARG C 71 -26.36 22.81 -1.91
CA ARG C 71 -25.82 22.16 -3.11
C ARG C 71 -26.51 22.65 -4.38
N ASP C 72 -25.84 22.51 -5.53
CA ASP C 72 -26.36 22.88 -6.84
C ASP C 72 -26.03 21.75 -7.82
N ASN C 73 -27.07 20.96 -8.17
CA ASN C 73 -26.96 19.79 -9.05
C ASN C 73 -26.57 20.14 -10.49
N SER C 74 -26.91 21.36 -10.95
CA SER C 74 -26.58 21.87 -12.29
C SER C 74 -25.08 22.03 -12.48
N LYS C 75 -24.37 22.44 -11.41
CA LYS C 75 -22.91 22.65 -11.42
C LYS C 75 -22.12 21.59 -10.64
N ASN C 76 -22.84 20.68 -9.91
CA ASN C 76 -22.29 19.59 -9.09
C ASN C 76 -21.30 20.17 -8.06
N THR C 77 -21.77 21.21 -7.33
CA THR C 77 -21.00 22.01 -6.38
C THR C 77 -21.65 22.06 -4.99
N LEU C 78 -20.82 21.94 -3.93
CA LEU C 78 -21.19 22.04 -2.52
C LEU C 78 -20.80 23.43 -2.01
N TYR C 79 -21.69 24.07 -1.23
CA TYR C 79 -21.46 25.41 -0.70
C TYR C 79 -21.47 25.47 0.83
N LEU C 80 -20.84 26.52 1.39
CA LEU C 80 -20.83 26.82 2.82
C LEU C 80 -20.87 28.34 3.01
N GLN C 81 -22.04 28.84 3.42
CA GLN C 81 -22.27 30.26 3.69
C GLN C 81 -21.97 30.50 5.16
N MET C 82 -21.06 31.44 5.43
CA MET C 82 -20.64 31.76 6.79
C MET C 82 -20.90 33.23 7.03
N ASN C 83 -21.57 33.55 8.17
CA ASN C 83 -21.93 34.91 8.55
C ASN C 83 -21.49 35.17 9.99
N SER C 84 -21.20 36.45 10.31
CA SER C 84 -20.76 36.94 11.64
C SER C 84 -19.52 36.20 12.16
N LEU C 85 -18.57 35.94 11.23
CA LEU C 85 -17.30 35.24 11.47
C LEU C 85 -16.46 35.92 12.54
N ARG C 86 -15.77 35.13 13.36
CA ARG C 86 -14.93 35.60 14.47
C ARG C 86 -13.54 34.95 14.42
N ALA C 87 -12.67 35.29 15.41
CA ALA C 87 -11.31 34.77 15.56
C ALA C 87 -11.27 33.25 15.77
N GLU C 88 -12.30 32.67 16.43
CA GLU C 88 -12.40 31.23 16.67
C GLU C 88 -12.70 30.43 15.38
N ASP C 89 -13.19 31.13 14.33
CA ASP C 89 -13.53 30.54 13.02
C ASP C 89 -12.36 30.45 12.04
N THR C 90 -11.18 31.04 12.40
CA THR C 90 -9.96 30.98 11.60
C THR C 90 -9.51 29.52 11.56
N ALA C 91 -9.43 28.95 10.34
CA ALA C 91 -9.11 27.54 10.11
C ALA C 91 -9.00 27.19 8.64
N VAL C 92 -8.44 26.00 8.35
CA VAL C 92 -8.37 25.42 7.01
C VAL C 92 -9.69 24.63 6.92
N TYR C 93 -10.51 24.91 5.89
CA TYR C 93 -11.82 24.28 5.72
C TYR C 93 -11.78 23.18 4.66
N TYR C 94 -12.13 21.95 5.09
CA TYR C 94 -12.12 20.76 4.24
C TYR C 94 -13.50 20.36 3.75
N CYS C 95 -13.58 19.99 2.47
CA CYS C 95 -14.77 19.47 1.81
C CYS C 95 -14.62 17.95 1.94
N ALA C 96 -15.68 17.24 2.38
CA ALA C 96 -15.59 15.81 2.65
C ALA C 96 -16.73 14.93 2.12
N ARG C 97 -16.37 13.71 1.67
CA ARG C 97 -17.30 12.70 1.18
C ARG C 97 -17.37 11.55 2.20
N GLU C 98 -18.59 11.29 2.72
CA GLU C 98 -18.82 10.25 3.72
C GLU C 98 -19.09 8.88 3.11
N GLY C 99 -18.60 7.86 3.78
CA GLY C 99 -18.81 6.46 3.47
C GLY C 99 -19.83 5.88 4.44
N PRO C 100 -19.75 4.57 4.79
CA PRO C 100 -20.75 4.00 5.71
C PRO C 100 -20.59 4.42 7.17
N GLY C 101 -21.69 4.88 7.77
CA GLY C 101 -21.75 5.29 9.17
C GLY C 101 -21.03 6.56 9.53
N ASP C 102 -21.08 7.56 8.62
CA ASP C 102 -20.45 8.90 8.69
C ASP C 102 -18.92 8.85 8.89
N SER C 103 -18.26 7.86 8.26
CA SER C 103 -16.80 7.73 8.22
C SER C 103 -16.36 8.52 6.96
N ILE C 104 -15.26 9.31 7.00
CA ILE C 104 -14.86 10.11 5.82
C ILE C 104 -13.88 9.31 4.95
N VAL C 105 -14.31 8.99 3.71
CA VAL C 105 -13.53 8.22 2.74
C VAL C 105 -12.62 9.12 1.86
N TYR C 106 -13.14 10.27 1.40
CA TYR C 106 -12.35 11.17 0.58
C TYR C 106 -12.39 12.66 1.06
N TRP C 107 -11.20 13.33 1.02
CA TRP C 107 -11.02 14.70 1.49
C TRP C 107 -10.44 15.59 0.41
N GLY C 108 -10.85 16.86 0.43
CA GLY C 108 -10.31 17.90 -0.43
C GLY C 108 -8.99 18.38 0.15
N LYS C 109 -8.28 19.26 -0.60
CA LYS C 109 -7.00 19.82 -0.14
C LYS C 109 -7.15 20.85 0.99
N GLY C 110 -8.32 21.48 1.07
CA GLY C 110 -8.65 22.48 2.08
C GLY C 110 -8.32 23.91 1.68
N THR C 111 -9.15 24.87 2.13
CA THR C 111 -8.94 26.30 1.85
C THR C 111 -8.84 27.09 3.17
N LEU C 112 -7.87 28.01 3.25
CA LEU C 112 -7.66 28.79 4.47
C LEU C 112 -8.60 30.00 4.57
N VAL C 113 -9.21 30.17 5.75
CA VAL C 113 -10.09 31.30 6.08
C VAL C 113 -9.46 32.02 7.29
N THR C 114 -9.05 33.30 7.09
CA THR C 114 -8.44 34.15 8.12
C THR C 114 -9.38 35.31 8.48
N VAL C 115 -9.74 35.40 9.78
CA VAL C 115 -10.61 36.45 10.32
C VAL C 115 -9.75 37.41 11.20
N SER C 116 -9.32 38.54 10.58
CA SER C 116 -8.48 39.56 11.20
C SER C 116 -8.84 40.96 10.71
N SER C 117 -8.56 41.97 11.55
CA SER C 117 -8.77 43.39 11.26
C SER C 117 -7.45 44.02 10.75
N ALA C 118 -6.32 43.27 10.85
CA ALA C 118 -4.99 43.67 10.40
C ALA C 118 -5.02 43.88 8.88
N SER C 119 -4.21 44.84 8.39
CA SER C 119 -4.14 45.22 6.98
C SER C 119 -3.40 44.21 6.09
N THR C 120 -3.81 44.16 4.80
CA THR C 120 -3.22 43.31 3.77
C THR C 120 -1.91 43.93 3.32
N LYS C 121 -0.89 43.10 3.16
CA LYS C 121 0.43 43.57 2.72
C LYS C 121 1.07 42.58 1.78
N GLY C 122 1.43 43.07 0.60
CA GLY C 122 2.10 42.30 -0.45
C GLY C 122 3.58 42.15 -0.18
N PRO C 123 4.22 41.03 -0.60
CA PRO C 123 5.66 40.87 -0.29
C PRO C 123 6.64 41.51 -1.28
N SER C 124 7.87 41.73 -0.80
CA SER C 124 9.00 42.20 -1.61
C SER C 124 9.78 40.91 -1.92
N VAL C 125 10.04 40.64 -3.22
CA VAL C 125 10.76 39.44 -3.63
C VAL C 125 12.20 39.77 -4.05
N PHE C 126 13.19 39.06 -3.47
CA PHE C 126 14.62 39.23 -3.72
C PHE C 126 15.29 37.91 -4.14
N PRO C 127 16.19 37.94 -5.15
CA PRO C 127 16.86 36.69 -5.56
C PRO C 127 17.97 36.24 -4.61
N LEU C 128 18.12 34.91 -4.43
CA LEU C 128 19.16 34.31 -3.61
C LEU C 128 20.11 33.57 -4.54
N ALA C 129 21.07 34.34 -5.08
CA ALA C 129 22.08 33.92 -6.06
C ALA C 129 22.94 32.73 -5.60
N PRO C 130 23.35 31.84 -6.54
CA PRO C 130 24.22 30.70 -6.16
C PRO C 130 25.61 31.14 -5.71
N SER C 131 26.10 30.50 -4.62
CA SER C 131 27.40 30.73 -3.99
C SER C 131 28.59 30.26 -4.84
N SER C 132 29.77 30.89 -4.62
CA SER C 132 31.02 30.56 -5.30
C SER C 132 32.07 30.11 -4.29
N GLY C 137 30.52 18.60 -4.37
CA GLY C 137 30.81 19.84 -5.07
C GLY C 137 30.20 19.96 -6.45
N GLY C 138 29.40 18.97 -6.84
CA GLY C 138 28.72 18.93 -8.13
C GLY C 138 27.38 19.65 -8.16
N THR C 139 26.83 19.97 -6.97
CA THR C 139 25.53 20.64 -6.83
C THR C 139 25.64 22.02 -6.20
N ALA C 140 24.69 22.91 -6.54
CA ALA C 140 24.62 24.28 -6.04
C ALA C 140 23.20 24.63 -5.61
N ALA C 141 23.09 25.45 -4.55
CA ALA C 141 21.82 25.92 -4.00
C ALA C 141 21.54 27.37 -4.41
N LEU C 142 20.28 27.65 -4.76
CA LEU C 142 19.80 28.98 -5.13
C LEU C 142 18.31 29.12 -4.77
N GLY C 143 17.83 30.36 -4.69
CA GLY C 143 16.44 30.59 -4.34
C GLY C 143 15.90 31.99 -4.44
N CYS C 144 14.79 32.23 -3.71
CA CYS C 144 14.07 33.51 -3.64
C CYS C 144 13.63 33.76 -2.19
N LEU C 145 13.79 35.00 -1.74
CA LEU C 145 13.35 35.43 -0.41
C LEU C 145 12.02 36.21 -0.59
N VAL C 146 10.95 35.75 0.10
CA VAL C 146 9.61 36.37 0.05
C VAL C 146 9.44 37.11 1.38
N LYS C 147 9.69 38.44 1.38
CA LYS C 147 9.74 39.28 2.57
C LYS C 147 8.49 40.11 2.89
N ASP C 148 8.10 40.11 4.18
CA ASP C 148 7.04 40.90 4.83
C ASP C 148 5.66 40.86 4.13
N TYR C 149 4.86 39.84 4.45
CA TYR C 149 3.52 39.71 3.88
C TYR C 149 2.49 39.30 4.95
N PHE C 150 1.24 39.72 4.74
CA PHE C 150 0.12 39.36 5.59
C PHE C 150 -1.18 39.37 4.78
N PRO C 151 -2.01 38.30 4.83
CA PRO C 151 -1.85 37.06 5.61
C PRO C 151 -1.29 35.90 4.79
N GLU C 152 -1.31 34.68 5.38
CA GLU C 152 -0.92 33.43 4.73
C GLU C 152 -2.08 33.06 3.76
N PRO C 153 -1.84 32.40 2.60
CA PRO C 153 -0.59 31.80 2.11
C PRO C 153 0.08 32.51 0.94
N VAL C 154 1.28 32.02 0.57
CA VAL C 154 2.07 32.40 -0.60
C VAL C 154 2.48 31.12 -1.34
N THR C 155 2.27 31.06 -2.65
CA THR C 155 2.67 29.90 -3.46
C THR C 155 3.88 30.28 -4.30
N VAL C 156 4.82 29.35 -4.45
CA VAL C 156 6.00 29.61 -5.26
C VAL C 156 6.34 28.39 -6.11
N SER C 157 6.40 28.59 -7.44
CA SER C 157 6.76 27.56 -8.41
C SER C 157 8.05 28.00 -9.14
N TRP C 158 8.72 27.07 -9.81
CA TRP C 158 9.96 27.36 -10.55
C TRP C 158 9.81 27.03 -12.02
N ASN C 159 10.23 27.96 -12.89
CA ASN C 159 10.18 27.88 -14.35
C ASN C 159 8.77 27.51 -14.87
N SER C 160 7.74 28.19 -14.33
CA SER C 160 6.30 28.04 -14.64
C SER C 160 5.77 26.61 -14.39
N GLY C 161 6.24 25.99 -13.31
CA GLY C 161 5.85 24.66 -12.87
C GLY C 161 6.71 23.52 -13.37
N ALA C 162 7.55 23.77 -14.40
CA ALA C 162 8.42 22.78 -15.03
C ALA C 162 9.52 22.22 -14.11
N LEU C 163 10.08 23.03 -13.20
CA LEU C 163 11.13 22.61 -12.26
C LEU C 163 10.55 22.17 -10.92
N THR C 164 10.61 20.85 -10.62
CA THR C 164 10.09 20.24 -9.39
C THR C 164 11.14 19.51 -8.56
N SER C 165 12.10 18.82 -9.22
CA SER C 165 13.17 18.08 -8.56
C SER C 165 14.15 19.02 -7.85
N GLY C 166 14.41 18.72 -6.58
CA GLY C 166 15.31 19.50 -5.74
C GLY C 166 14.70 20.76 -5.16
N VAL C 167 13.38 20.97 -5.35
CA VAL C 167 12.67 22.14 -4.83
C VAL C 167 12.30 21.96 -3.36
N HIS C 168 12.53 23.00 -2.56
CA HIS C 168 12.21 23.04 -1.14
C HIS C 168 11.77 24.44 -0.70
N THR C 169 10.45 24.64 -0.58
CA THR C 169 9.80 25.85 -0.10
C THR C 169 9.63 25.64 1.41
N PHE C 170 10.26 26.49 2.20
CA PHE C 170 10.30 26.37 3.67
C PHE C 170 9.07 26.96 4.38
N PRO C 171 8.67 26.40 5.56
CA PRO C 171 7.55 27.02 6.30
C PRO C 171 7.94 28.44 6.74
N ALA C 172 6.97 29.37 6.69
CA ALA C 172 7.15 30.78 6.99
C ALA C 172 7.45 31.06 8.46
N VAL C 173 8.15 32.19 8.72
CA VAL C 173 8.45 32.70 10.07
C VAL C 173 7.46 33.83 10.37
N LEU C 174 6.89 33.83 11.59
CA LEU C 174 5.99 34.89 12.04
C LEU C 174 6.80 35.83 12.92
N GLN C 175 7.15 37.00 12.36
CA GLN C 175 7.94 38.03 13.02
C GLN C 175 7.15 38.76 14.12
N SER C 176 7.88 39.49 15.01
CA SER C 176 7.31 40.26 16.13
C SER C 176 6.46 41.44 15.63
N SER C 177 6.71 41.88 14.37
CA SER C 177 5.98 42.95 13.68
C SER C 177 4.56 42.50 13.28
N GLY C 178 4.32 41.19 13.22
CA GLY C 178 3.05 40.60 12.82
C GLY C 178 3.02 40.16 11.37
N LEU C 179 4.13 40.37 10.64
CA LEU C 179 4.25 40.00 9.23
C LEU C 179 5.06 38.70 9.08
N TYR C 180 4.80 37.96 7.98
CA TYR C 180 5.45 36.69 7.67
C TYR C 180 6.57 36.85 6.64
N SER C 181 7.53 35.91 6.64
CA SER C 181 8.64 35.82 5.68
C SER C 181 8.92 34.35 5.36
N LEU C 182 9.14 34.05 4.07
CA LEU C 182 9.34 32.69 3.54
C LEU C 182 10.53 32.63 2.56
N SER C 183 11.11 31.43 2.39
CA SER C 183 12.20 31.17 1.44
C SER C 183 11.97 29.87 0.66
N SER C 184 12.27 29.90 -0.66
CA SER C 184 12.19 28.74 -1.54
C SER C 184 13.58 28.47 -2.10
N VAL C 185 14.09 27.22 -1.99
CA VAL C 185 15.43 26.84 -2.45
C VAL C 185 15.39 25.62 -3.39
N VAL C 186 16.17 25.67 -4.49
CA VAL C 186 16.31 24.57 -5.44
C VAL C 186 17.80 24.17 -5.59
N THR C 187 18.10 22.87 -5.43
CA THR C 187 19.43 22.29 -5.58
C THR C 187 19.56 21.85 -7.04
N VAL C 188 20.54 22.45 -7.76
CA VAL C 188 20.76 22.23 -9.20
C VAL C 188 22.20 21.77 -9.49
N PRO C 189 22.50 21.13 -10.66
CA PRO C 189 23.91 20.79 -10.95
C PRO C 189 24.70 22.08 -11.25
N SER C 190 25.93 22.17 -10.74
CA SER C 190 26.81 23.34 -10.87
C SER C 190 27.15 23.72 -12.32
N SER C 191 27.16 22.73 -13.24
CA SER C 191 27.45 22.90 -14.66
C SER C 191 26.41 23.74 -15.42
N SER C 192 25.18 23.83 -14.91
CA SER C 192 24.08 24.58 -15.55
C SER C 192 24.02 26.06 -15.13
N LEU C 193 24.75 26.45 -14.08
CA LEU C 193 24.79 27.83 -13.57
C LEU C 193 25.36 28.80 -14.60
N GLY C 194 24.55 29.77 -15.00
CA GLY C 194 24.91 30.76 -15.99
C GLY C 194 24.42 30.44 -17.39
N THR C 195 23.86 29.22 -17.59
CA THR C 195 23.31 28.77 -18.89
C THR C 195 21.79 28.64 -18.78
N GLN C 196 21.33 27.69 -17.93
CA GLN C 196 19.93 27.43 -17.63
C GLN C 196 19.28 28.62 -16.92
N THR C 197 18.05 28.93 -17.34
CA THR C 197 17.22 30.00 -16.82
C THR C 197 16.55 29.49 -15.54
N TYR C 198 16.61 30.30 -14.47
CA TYR C 198 15.97 29.99 -13.19
C TYR C 198 15.11 31.17 -12.77
N ILE C 199 13.78 30.99 -12.84
CA ILE C 199 12.79 32.04 -12.50
C ILE C 199 11.83 31.51 -11.42
N CYS C 200 11.68 32.24 -10.31
CA CYS C 200 10.72 31.87 -9.26
C CYS C 200 9.40 32.64 -9.45
N ASN C 201 8.30 31.91 -9.53
CA ASN C 201 6.96 32.46 -9.74
C ASN C 201 6.26 32.57 -8.38
N VAL C 202 6.16 33.78 -7.83
CA VAL C 202 5.59 34.05 -6.50
C VAL C 202 4.14 34.58 -6.62
N ASN C 203 3.21 33.99 -5.84
CA ASN C 203 1.80 34.42 -5.84
C ASN C 203 1.22 34.62 -4.43
N HIS C 204 0.70 35.83 -4.18
CA HIS C 204 0.04 36.20 -2.94
C HIS C 204 -1.34 36.77 -3.35
N LYS C 205 -2.35 35.89 -3.43
CA LYS C 205 -3.73 36.21 -3.85
C LYS C 205 -4.39 37.35 -3.03
N PRO C 206 -4.27 37.44 -1.66
CA PRO C 206 -4.93 38.55 -0.95
C PRO C 206 -4.56 39.96 -1.41
N SER C 207 -3.28 40.19 -1.75
CA SER C 207 -2.79 41.50 -2.20
C SER C 207 -2.73 41.66 -3.73
N ASN C 208 -3.10 40.60 -4.48
CA ASN C 208 -3.07 40.54 -5.95
C ASN C 208 -1.62 40.65 -6.49
N THR C 209 -0.66 40.04 -5.74
CA THR C 209 0.77 40.04 -6.07
C THR C 209 1.11 38.81 -6.88
N LYS C 210 1.65 39.04 -8.08
CA LYS C 210 2.08 38.01 -9.01
C LYS C 210 3.43 38.47 -9.60
N VAL C 211 4.54 37.89 -9.10
CA VAL C 211 5.87 38.27 -9.56
C VAL C 211 6.65 37.07 -10.12
N ASP C 212 7.55 37.36 -11.06
CA ASP C 212 8.47 36.41 -11.67
C ASP C 212 9.86 37.01 -11.50
N LYS C 213 10.68 36.36 -10.66
CA LYS C 213 12.03 36.85 -10.35
C LYS C 213 13.09 35.91 -10.91
N ARG C 214 13.95 36.42 -11.81
CA ARG C 214 15.00 35.59 -12.37
C ARG C 214 16.23 35.61 -11.46
N VAL C 215 16.76 34.40 -11.19
CA VAL C 215 17.89 34.15 -10.30
C VAL C 215 19.08 33.67 -11.12
N GLU C 216 20.17 34.41 -10.99
CA GLU C 216 21.37 34.20 -11.80
C GLU C 216 22.65 34.44 -10.97
N PRO C 217 23.83 33.88 -11.38
CA PRO C 217 25.05 34.11 -10.59
C PRO C 217 25.51 35.57 -10.59
N GLN D 1 -17.43 19.88 28.81
CA GLN D 1 -15.98 19.84 28.97
C GLN D 1 -15.34 19.18 27.74
N SER D 2 -15.10 17.86 27.81
CA SER D 2 -14.53 17.08 26.72
C SER D 2 -15.53 16.01 26.29
N VAL D 3 -15.82 15.95 24.99
CA VAL D 3 -16.78 15.04 24.36
C VAL D 3 -16.19 13.63 24.15
N LEU D 4 -14.98 13.56 23.57
CA LEU D 4 -14.18 12.35 23.34
C LEU D 4 -12.78 12.71 23.80
N THR D 5 -12.16 11.89 24.64
CA THR D 5 -10.84 12.22 25.21
C THR D 5 -9.76 11.20 24.90
N GLN D 6 -8.64 11.72 24.39
CA GLN D 6 -7.45 10.96 24.03
C GLN D 6 -6.26 11.56 24.75
N PRO D 7 -5.19 10.78 25.06
CA PRO D 7 -4.00 11.39 25.68
C PRO D 7 -3.30 12.31 24.66
N PRO D 8 -2.83 13.52 25.03
CA PRO D 8 -2.19 14.39 24.02
C PRO D 8 -0.93 13.80 23.33
N SER D 9 -0.16 12.95 24.03
CA SER D 9 1.06 12.33 23.51
C SER D 9 1.23 10.85 23.92
N VAL D 10 1.91 10.08 23.07
CA VAL D 10 2.28 8.68 23.27
C VAL D 10 3.62 8.41 22.56
N SER D 11 4.47 7.56 23.15
CA SER D 11 5.77 7.21 22.58
C SER D 11 6.17 5.77 22.83
N GLY D 12 6.86 5.20 21.84
CA GLY D 12 7.38 3.84 21.87
C GLY D 12 8.64 3.71 21.04
N ALA D 13 9.37 2.61 21.27
CA ALA D 13 10.62 2.28 20.57
C ALA D 13 10.32 1.49 19.29
N PRO D 14 11.18 1.49 18.24
CA PRO D 14 10.88 0.68 17.05
C PRO D 14 10.78 -0.82 17.37
N GLY D 15 9.68 -1.45 16.94
CA GLY D 15 9.39 -2.86 17.20
C GLY D 15 8.47 -3.11 18.38
N GLN D 16 8.25 -2.08 19.21
CA GLN D 16 7.42 -2.11 20.41
C GLN D 16 5.92 -1.96 20.08
N ARG D 17 5.04 -2.53 20.94
CA ARG D 17 3.59 -2.42 20.81
C ARG D 17 3.12 -1.25 21.67
N VAL D 18 2.26 -0.39 21.09
CA VAL D 18 1.73 0.78 21.77
C VAL D 18 0.20 0.86 21.59
N SER D 19 -0.52 1.46 22.57
CA SER D 19 -1.97 1.66 22.50
C SER D 19 -2.38 3.11 22.77
N ILE D 20 -3.45 3.57 22.06
CA ILE D 20 -4.00 4.92 22.16
C ILE D 20 -5.48 4.80 22.57
N SER D 21 -5.84 5.30 23.77
CA SER D 21 -7.21 5.25 24.29
C SER D 21 -8.09 6.41 23.79
N CYS D 22 -9.43 6.18 23.80
CA CYS D 22 -10.47 7.14 23.41
C CYS D 22 -11.65 6.92 24.39
N THR D 23 -11.78 7.82 25.39
CA THR D 23 -12.82 7.76 26.42
C THR D 23 -14.01 8.61 25.99
N GLY D 24 -15.18 7.97 25.88
CA GLY D 24 -16.42 8.61 25.48
C GLY D 24 -17.41 8.84 26.60
N ARG D 25 -18.65 9.19 26.22
CA ARG D 25 -19.78 9.49 27.11
C ARG D 25 -20.92 8.50 26.85
N SER D 26 -21.90 8.46 27.78
CA SER D 26 -23.12 7.65 27.64
C SER D 26 -23.94 8.14 26.44
N SER D 27 -23.69 9.38 25.97
CA SER D 27 -24.35 10.01 24.83
C SER D 27 -23.70 9.70 23.47
N ASN D 28 -22.46 9.12 23.45
CA ASN D 28 -21.77 8.77 22.21
C ASN D 28 -21.32 7.27 22.19
N ILE D 29 -20.08 6.94 22.61
CA ILE D 29 -19.58 5.55 22.66
C ILE D 29 -20.49 4.65 23.53
N GLY D 30 -20.86 5.14 24.71
CA GLY D 30 -21.74 4.46 25.67
C GLY D 30 -23.17 4.29 25.18
N ALA D 31 -23.59 5.12 24.20
CA ALA D 31 -24.93 5.04 23.59
C ALA D 31 -25.01 3.90 22.56
N GLY D 32 -23.84 3.38 22.15
CA GLY D 32 -23.74 2.27 21.21
C GLY D 32 -23.18 2.65 19.85
N TYR D 33 -22.85 3.94 19.67
CA TYR D 33 -22.29 4.45 18.41
C TYR D 33 -20.87 3.97 18.14
N ASP D 34 -20.62 3.46 16.91
CA ASP D 34 -19.34 2.98 16.40
C ASP D 34 -18.28 4.07 16.36
N VAL D 35 -17.00 3.68 16.53
CA VAL D 35 -15.85 4.57 16.57
C VAL D 35 -14.95 4.38 15.33
N HIS D 36 -14.62 5.47 14.62
CA HIS D 36 -13.70 5.43 13.48
C HIS D 36 -12.37 6.11 13.84
N TRP D 37 -11.25 5.68 13.23
CA TRP D 37 -9.93 6.27 13.49
C TRP D 37 -9.31 6.87 12.21
N TYR D 38 -8.57 7.97 12.39
CA TYR D 38 -7.90 8.68 11.30
C TYR D 38 -6.42 8.89 11.59
N GLN D 39 -5.59 8.84 10.53
CA GLN D 39 -4.15 9.12 10.59
C GLN D 39 -3.88 10.39 9.77
N GLN D 40 -3.30 11.41 10.41
CA GLN D 40 -2.96 12.66 9.72
C GLN D 40 -1.46 12.92 9.72
N LEU D 41 -0.85 12.85 8.52
CA LEU D 41 0.56 13.14 8.28
C LEU D 41 0.71 14.68 8.21
N PRO D 42 1.90 15.28 8.52
CA PRO D 42 1.99 16.76 8.49
C PRO D 42 1.89 17.36 7.09
N GLY D 43 1.11 18.45 6.98
CA GLY D 43 0.85 19.14 5.72
C GLY D 43 -0.05 18.36 4.78
N LYS D 44 -0.92 17.50 5.35
CA LYS D 44 -1.84 16.64 4.62
C LYS D 44 -3.22 16.60 5.30
N ALA D 45 -4.26 16.19 4.55
CA ALA D 45 -5.61 16.00 5.07
C ALA D 45 -5.63 14.61 5.76
N PRO D 46 -6.51 14.35 6.76
CA PRO D 46 -6.53 13.01 7.40
C PRO D 46 -6.98 11.88 6.46
N LYS D 47 -6.66 10.63 6.82
CA LYS D 47 -7.04 9.44 6.05
C LYS D 47 -7.58 8.37 6.99
N LEU D 48 -8.72 7.76 6.60
CA LEU D 48 -9.42 6.70 7.34
C LEU D 48 -8.49 5.50 7.58
N LEU D 49 -8.33 5.13 8.87
CA LEU D 49 -7.44 4.06 9.35
C LEU D 49 -8.22 2.83 9.83
N ILE D 50 -9.31 3.04 10.57
CA ILE D 50 -10.22 2.03 11.13
C ILE D 50 -11.66 2.56 10.99
N TYR D 51 -12.55 1.75 10.40
CA TYR D 51 -13.98 2.07 10.29
C TYR D 51 -14.75 0.96 11.01
N GLY D 52 -15.93 1.28 11.53
CA GLY D 52 -16.67 0.36 12.37
C GLY D 52 -15.90 0.42 13.67
N ASN D 53 -15.61 -0.70 14.32
CA ASN D 53 -14.76 -0.56 15.51
C ASN D 53 -13.42 -1.23 15.28
N THR D 54 -13.40 -2.20 14.34
CA THR D 54 -12.26 -3.08 14.05
C THR D 54 -11.83 -3.18 12.56
N ASN D 55 -12.68 -2.77 11.61
CA ASN D 55 -12.41 -2.91 10.17
C ASN D 55 -11.31 -2.01 9.62
N ARG D 56 -10.43 -2.58 8.78
CA ARG D 56 -9.34 -1.86 8.13
C ARG D 56 -9.65 -1.65 6.65
N PRO D 57 -9.54 -0.42 6.11
CA PRO D 57 -9.71 -0.23 4.65
C PRO D 57 -8.48 -0.81 3.92
N SER D 58 -8.61 -1.05 2.60
CA SER D 58 -7.52 -1.58 1.77
C SER D 58 -6.29 -0.65 1.82
N GLY D 59 -5.11 -1.25 1.98
CA GLY D 59 -3.85 -0.50 2.05
C GLY D 59 -3.34 -0.31 3.46
N VAL D 60 -4.25 -0.42 4.48
CA VAL D 60 -3.91 -0.30 5.89
C VAL D 60 -3.35 -1.65 6.41
N PRO D 61 -2.07 -1.69 6.89
CA PRO D 61 -1.48 -2.98 7.34
C PRO D 61 -2.16 -3.62 8.56
N VAL D 62 -1.97 -4.94 8.72
CA VAL D 62 -2.52 -5.77 9.80
C VAL D 62 -1.97 -5.37 11.21
N ARG D 63 -0.84 -4.64 11.25
CA ARG D 63 -0.23 -4.18 12.50
C ARG D 63 -1.08 -3.11 13.24
N PHE D 64 -2.07 -2.51 12.53
CA PHE D 64 -3.01 -1.55 13.11
C PHE D 64 -4.30 -2.30 13.45
N SER D 65 -4.76 -2.20 14.71
CA SER D 65 -6.01 -2.85 15.14
C SER D 65 -6.81 -1.99 16.12
N GLY D 66 -8.13 -2.12 16.07
CA GLY D 66 -9.03 -1.39 16.95
C GLY D 66 -9.85 -2.28 17.85
N SER D 67 -10.26 -1.75 19.03
CA SER D 67 -11.13 -2.41 20.01
C SER D 67 -12.06 -1.36 20.65
N LYS D 68 -13.29 -1.76 21.03
CA LYS D 68 -14.25 -0.86 21.65
C LYS D 68 -15.26 -1.63 22.50
N SER D 69 -15.42 -1.21 23.78
CA SER D 69 -16.37 -1.80 24.74
C SER D 69 -16.78 -0.78 25.79
N GLY D 70 -18.08 -0.75 26.10
CA GLY D 70 -18.66 0.16 27.07
C GLY D 70 -18.58 1.61 26.64
N THR D 71 -17.84 2.43 27.41
CA THR D 71 -17.67 3.85 27.14
C THR D 71 -16.24 4.17 26.61
N SER D 72 -15.41 3.14 26.32
CA SER D 72 -14.04 3.36 25.83
C SER D 72 -13.70 2.65 24.51
N ALA D 73 -12.72 3.19 23.78
CA ALA D 73 -12.20 2.67 22.51
C ALA D 73 -10.65 2.70 22.51
N SER D 74 -10.00 1.81 21.74
CA SER D 74 -8.53 1.74 21.68
C SER D 74 -7.98 1.39 20.31
N LEU D 75 -6.84 2.01 19.95
CA LEU D 75 -6.10 1.77 18.72
C LEU D 75 -4.74 1.19 19.12
N ALA D 76 -4.44 -0.03 18.67
CA ALA D 76 -3.18 -0.72 18.95
C ALA D 76 -2.28 -0.75 17.72
N ILE D 77 -0.96 -0.54 17.92
CA ILE D 77 0.04 -0.57 16.85
C ILE D 77 1.18 -1.48 17.32
N THR D 78 1.34 -2.63 16.66
CA THR D 78 2.38 -3.61 16.95
C THR D 78 3.49 -3.48 15.91
N GLY D 79 4.74 -3.63 16.33
CA GLY D 79 5.90 -3.52 15.45
C GLY D 79 6.10 -2.10 14.94
N LEU D 80 6.16 -1.15 15.89
CA LEU D 80 6.33 0.30 15.65
C LEU D 80 7.50 0.61 14.73
N GLN D 81 7.33 1.60 13.84
CA GLN D 81 8.34 2.04 12.89
C GLN D 81 8.24 3.54 12.58
N ALA D 82 9.29 4.10 11.95
CA ALA D 82 9.44 5.51 11.56
C ALA D 82 8.20 6.14 10.87
N GLU D 83 7.62 5.42 9.89
CA GLU D 83 6.45 5.84 9.11
C GLU D 83 5.15 5.97 9.93
N ASP D 84 5.14 5.46 11.18
CA ASP D 84 3.97 5.54 12.08
C ASP D 84 3.81 6.91 12.75
N GLU D 85 4.89 7.73 12.77
CA GLU D 85 4.87 9.09 13.35
C GLU D 85 3.86 10.03 12.66
N ALA D 86 2.76 10.33 13.38
CA ALA D 86 1.64 11.18 12.93
C ALA D 86 0.68 11.53 14.08
N ASP D 87 -0.41 12.22 13.75
CA ASP D 87 -1.47 12.60 14.68
C ASP D 87 -2.63 11.65 14.42
N TYR D 88 -3.18 11.08 15.51
CA TYR D 88 -4.29 10.12 15.46
C TYR D 88 -5.53 10.66 16.14
N TYR D 89 -6.68 10.52 15.45
CA TYR D 89 -7.97 10.99 15.96
C TYR D 89 -9.02 9.90 15.96
N CYS D 90 -9.81 9.80 17.05
CA CYS D 90 -10.96 8.90 17.09
C CYS D 90 -12.20 9.74 16.73
N GLN D 91 -13.29 9.09 16.32
CA GLN D 91 -14.51 9.78 15.89
C GLN D 91 -15.76 8.93 16.12
N SER D 92 -16.82 9.55 16.64
CA SER D 92 -18.12 8.91 16.85
C SER D 92 -19.24 9.90 16.52
N TYR D 93 -20.45 9.62 17.01
CA TYR D 93 -21.65 10.44 16.85
C TYR D 93 -22.23 10.65 18.25
N ASP D 94 -22.69 11.89 18.56
CA ASP D 94 -23.28 12.22 19.86
C ASP D 94 -24.77 12.57 19.69
N SER D 95 -25.66 11.77 20.30
CA SER D 95 -27.12 11.91 20.21
C SER D 95 -27.70 13.10 21.00
N SER D 96 -26.92 13.68 21.94
CA SER D 96 -27.35 14.82 22.75
C SER D 96 -26.97 16.15 22.06
N LEU D 97 -25.80 16.18 21.45
CA LEU D 97 -25.33 17.35 20.73
C LEU D 97 -25.84 17.33 19.29
N ARG D 98 -26.25 16.15 18.84
CA ARG D 98 -26.76 15.96 17.48
C ARG D 98 -25.74 16.23 16.39
N GLY D 99 -24.69 15.41 16.33
CA GLY D 99 -23.69 15.55 15.29
C GLY D 99 -22.50 14.62 15.47
N SER D 100 -21.72 14.46 14.41
CA SER D 100 -20.48 13.70 14.48
C SER D 100 -19.49 14.43 15.38
N VAL D 101 -18.58 13.69 16.00
CA VAL D 101 -17.64 14.31 16.92
C VAL D 101 -16.26 13.66 16.89
N PHE D 102 -15.24 14.48 17.03
CA PHE D 102 -13.85 14.04 17.05
C PHE D 102 -13.19 14.18 18.41
N GLY D 103 -12.25 13.27 18.69
CA GLY D 103 -11.38 13.33 19.86
C GLY D 103 -10.36 14.45 19.64
N GLY D 104 -9.70 14.87 20.72
CA GLY D 104 -8.70 15.93 20.69
C GLY D 104 -7.40 15.60 19.96
N GLY D 105 -7.14 14.32 19.75
CA GLY D 105 -5.95 13.88 19.05
C GLY D 105 -4.78 13.47 19.93
N THR D 106 -3.89 12.66 19.35
CA THR D 106 -2.70 12.13 20.00
C THR D 106 -1.52 12.23 19.05
N LYS D 107 -0.40 12.79 19.52
CA LYS D 107 0.82 12.82 18.73
C LYS D 107 1.62 11.56 19.10
N LEU D 108 1.88 10.67 18.13
CA LEU D 108 2.67 9.46 18.33
C LEU D 108 4.13 9.68 17.89
N THR D 109 5.07 9.52 18.83
CA THR D 109 6.52 9.65 18.59
C THR D 109 7.16 8.26 18.61
N VAL D 110 8.09 7.99 17.68
CA VAL D 110 8.84 6.73 17.62
C VAL D 110 10.29 7.03 18.02
N LEU D 111 10.63 6.73 19.27
CA LEU D 111 11.92 7.04 19.86
C LEU D 111 12.92 5.90 19.70
N GLY D 112 14.01 6.15 18.99
CA GLY D 112 15.04 5.16 18.83
C GLY D 112 15.70 5.19 17.47
N GLN D 113 13.92 5.00 15.40
CA GLN D 113 14.19 5.84 14.23
C GLN D 113 15.64 6.23 14.16
N PRO D 114 16.28 5.98 13.02
CA PRO D 114 17.68 6.41 12.85
C PRO D 114 17.79 7.94 12.88
N LYS D 115 18.81 8.45 13.58
CA LYS D 115 19.04 9.88 13.66
C LYS D 115 19.66 10.40 12.35
N ALA D 116 19.40 11.68 12.01
CA ALA D 116 19.90 12.34 10.81
C ALA D 116 20.35 13.75 11.18
N ALA D 117 21.62 14.09 10.88
CA ALA D 117 22.22 15.39 11.15
C ALA D 117 21.69 16.45 10.17
N PRO D 118 21.53 17.73 10.58
CA PRO D 118 20.99 18.73 9.64
C PRO D 118 21.94 19.21 8.54
N SER D 119 21.33 19.61 7.40
CA SER D 119 22.00 20.22 6.25
C SER D 119 21.75 21.73 6.40
N VAL D 120 22.82 22.55 6.29
CA VAL D 120 22.71 24.00 6.48
C VAL D 120 23.13 24.78 5.23
N THR D 121 22.30 25.77 4.84
CA THR D 121 22.55 26.69 3.72
C THR D 121 22.37 28.14 4.21
N LEU D 122 23.43 28.96 4.09
CA LEU D 122 23.41 30.35 4.51
C LEU D 122 23.55 31.32 3.32
N PHE D 123 22.56 32.23 3.17
CA PHE D 123 22.56 33.23 2.11
C PHE D 123 22.86 34.64 2.63
N PRO D 124 23.79 35.38 1.96
CA PRO D 124 24.04 36.76 2.39
C PRO D 124 22.93 37.70 1.84
N PRO D 125 22.81 38.97 2.29
CA PRO D 125 21.79 39.85 1.68
C PRO D 125 22.07 40.08 0.19
N SER D 126 21.03 40.08 -0.65
CA SER D 126 21.17 40.31 -2.09
C SER D 126 21.50 41.78 -2.40
N SER D 127 22.17 42.04 -3.55
CA SER D 127 22.55 43.39 -4.01
C SER D 127 21.29 44.25 -4.24
N GLU D 128 20.20 43.61 -4.70
CA GLU D 128 18.88 44.21 -4.94
C GLU D 128 18.26 44.70 -3.62
N GLU D 129 18.40 43.91 -2.53
CA GLU D 129 17.88 44.26 -1.20
C GLU D 129 18.71 45.38 -0.58
N LEU D 130 20.07 45.33 -0.75
CA LEU D 130 20.99 46.35 -0.24
C LEU D 130 20.75 47.70 -0.93
N GLN D 131 20.39 47.67 -2.24
CA GLN D 131 20.04 48.86 -3.04
C GLN D 131 18.69 49.46 -2.60
N ALA D 132 17.87 48.70 -1.87
CA ALA D 132 16.59 49.14 -1.31
C ALA D 132 16.77 49.63 0.14
N ASN D 133 18.05 49.63 0.63
CA ASN D 133 18.50 50.05 1.98
C ASN D 133 18.11 49.07 3.09
N LYS D 134 18.09 47.75 2.77
CA LYS D 134 17.77 46.68 3.72
C LYS D 134 18.78 45.53 3.66
N ALA D 135 18.85 44.71 4.72
CA ALA D 135 19.76 43.56 4.79
C ALA D 135 19.18 42.39 5.59
N THR D 136 19.04 41.23 4.94
CA THR D 136 18.55 40.00 5.57
C THR D 136 19.48 38.82 5.25
N LEU D 137 19.96 38.15 6.31
CA LEU D 137 20.78 36.94 6.27
C LEU D 137 19.81 35.76 6.48
N VAL D 138 19.82 34.79 5.56
CA VAL D 138 18.90 33.64 5.56
C VAL D 138 19.62 32.29 5.82
N CYS D 139 19.35 31.67 6.99
CA CYS D 139 19.91 30.37 7.39
C CYS D 139 18.84 29.27 7.29
N LEU D 140 19.00 28.35 6.32
CA LEU D 140 18.05 27.26 6.08
C LEU D 140 18.59 25.89 6.53
N ILE D 141 17.81 25.23 7.42
CA ILE D 141 18.14 23.95 8.07
C ILE D 141 17.13 22.87 7.67
N SER D 142 17.60 21.74 7.11
CA SER D 142 16.70 20.68 6.65
C SER D 142 17.22 19.26 6.86
N ASP D 143 16.32 18.27 6.65
CA ASP D 143 16.55 16.81 6.71
C ASP D 143 17.16 16.30 8.02
N PHE D 144 16.62 16.76 9.16
CA PHE D 144 17.12 16.33 10.47
C PHE D 144 16.09 15.58 11.32
N TYR D 145 16.58 14.66 12.16
CA TYR D 145 15.79 13.86 13.09
C TYR D 145 16.62 13.44 14.32
N PRO D 146 16.17 13.67 15.58
CA PRO D 146 14.90 14.30 16.02
C PRO D 146 14.77 15.81 15.72
N GLY D 147 13.62 16.38 16.08
CA GLY D 147 13.27 17.77 15.84
C GLY D 147 13.80 18.84 16.79
N ALA D 148 14.67 18.49 17.74
CA ALA D 148 15.21 19.49 18.66
C ALA D 148 16.54 20.06 18.14
N VAL D 149 16.58 21.40 17.92
CA VAL D 149 17.78 22.13 17.43
C VAL D 149 17.93 23.47 18.12
N THR D 150 19.19 23.92 18.25
CA THR D 150 19.52 25.25 18.78
C THR D 150 20.28 26.00 17.69
N VAL D 151 19.89 27.25 17.42
CA VAL D 151 20.50 28.12 16.42
C VAL D 151 21.29 29.22 17.11
N ALA D 152 22.55 29.44 16.69
CA ALA D 152 23.43 30.46 17.25
C ALA D 152 24.07 31.28 16.14
N TRP D 153 23.85 32.60 16.15
CA TRP D 153 24.42 33.54 15.19
C TRP D 153 25.67 34.24 15.75
N LYS D 154 26.68 34.49 14.89
CA LYS D 154 27.91 35.17 15.31
C LYS D 154 28.34 36.24 14.29
N ALA D 155 28.80 37.41 14.79
CA ALA D 155 29.36 38.52 14.02
C ALA D 155 30.84 38.50 14.41
N ASP D 156 31.65 37.83 13.56
CA ASP D 156 33.05 37.48 13.76
C ASP D 156 33.07 36.39 14.86
N SER D 157 33.57 36.68 16.07
CA SER D 157 33.57 35.72 17.18
C SER D 157 32.61 36.10 18.31
N SER D 158 31.86 37.21 18.16
CA SER D 158 30.91 37.70 19.17
C SER D 158 29.45 37.23 18.93
N PRO D 159 28.78 36.64 19.95
CA PRO D 159 27.39 36.19 19.74
C PRO D 159 26.40 37.34 19.56
N VAL D 160 25.52 37.23 18.55
CA VAL D 160 24.51 38.26 18.26
C VAL D 160 23.11 37.78 18.62
N LYS D 161 22.38 38.61 19.38
CA LYS D 161 21.03 38.32 19.86
C LYS D 161 19.93 39.11 19.15
N ALA D 162 20.15 40.42 18.94
CA ALA D 162 19.20 41.34 18.33
C ALA D 162 18.95 41.13 16.83
N GLY D 163 17.68 41.20 16.45
CA GLY D 163 17.21 41.05 15.08
C GLY D 163 17.11 39.63 14.57
N VAL D 164 17.07 38.64 15.48
CA VAL D 164 16.99 37.20 15.14
C VAL D 164 15.55 36.70 15.26
N GLU D 165 15.05 36.04 14.19
CA GLU D 165 13.72 35.43 14.13
C GLU D 165 13.88 33.99 13.63
N THR D 166 13.49 33.00 14.45
CA THR D 166 13.63 31.58 14.12
C THR D 166 12.29 30.84 14.22
N THR D 167 12.02 29.89 13.28
CA THR D 167 10.81 29.07 13.30
C THR D 167 10.97 27.93 14.31
N THR D 168 9.84 27.36 14.75
CA THR D 168 9.83 26.18 15.60
C THR D 168 9.87 25.01 14.59
N PRO D 169 10.77 24.00 14.75
CA PRO D 169 10.85 22.92 13.75
C PRO D 169 9.53 22.28 13.34
N SER D 170 9.41 21.96 12.05
CA SER D 170 8.21 21.38 11.44
C SER D 170 8.60 20.28 10.44
N LYS D 171 7.76 19.22 10.37
CA LYS D 171 7.97 18.06 9.50
C LYS D 171 7.77 18.34 8.01
N GLN D 172 8.55 17.64 7.18
CA GLN D 172 8.50 17.68 5.72
C GLN D 172 7.79 16.41 5.22
N SER D 173 7.69 16.26 3.89
CA SER D 173 7.06 15.10 3.22
C SER D 173 7.89 13.80 3.29
N ASN D 174 8.86 13.71 4.23
CA ASN D 174 9.72 12.53 4.39
C ASN D 174 9.88 12.05 5.87
N ASN D 175 8.87 12.33 6.73
CA ASN D 175 8.77 11.93 8.15
C ASN D 175 10.01 12.21 8.99
N LYS D 176 11.63 14.16 7.40
CA LYS D 176 12.43 14.78 8.45
C LYS D 176 11.92 16.19 8.79
N TYR D 177 12.63 16.90 9.68
CA TYR D 177 12.26 18.24 10.11
C TYR D 177 12.96 19.32 9.29
N ALA D 178 12.38 20.54 9.30
CA ALA D 178 12.88 21.74 8.64
C ALA D 178 12.74 22.96 9.56
N ALA D 179 13.64 23.93 9.42
CA ALA D 179 13.64 25.17 10.20
C ALA D 179 14.37 26.29 9.44
N SER D 180 14.01 27.54 9.76
CA SER D 180 14.60 28.74 9.17
C SER D 180 14.96 29.70 10.28
N SER D 181 16.01 30.49 10.06
CA SER D 181 16.49 31.53 10.98
C SER D 181 16.87 32.78 10.16
N TYR D 182 16.31 33.93 10.52
CA TYR D 182 16.50 35.21 9.82
C TYR D 182 17.17 36.24 10.72
N LEU D 183 18.20 36.92 10.19
CA LEU D 183 18.92 37.97 10.90
C LEU D 183 18.74 39.30 10.15
N SER D 184 18.02 40.25 10.76
CA SER D 184 17.75 41.56 10.20
C SER D 184 18.78 42.58 10.66
N LEU D 185 19.43 43.24 9.68
CA LEU D 185 20.48 44.23 9.91
C LEU D 185 20.29 45.42 8.95
N THR D 186 21.02 46.51 9.20
CA THR D 186 21.04 47.68 8.31
C THR D 186 22.24 47.46 7.35
N PRO D 187 22.29 48.05 6.13
CA PRO D 187 23.46 47.84 5.25
C PRO D 187 24.81 48.20 5.89
N GLU D 188 24.81 49.17 6.84
CA GLU D 188 25.98 49.63 7.58
C GLU D 188 26.52 48.58 8.57
N GLN D 189 25.61 47.85 9.27
CA GLN D 189 25.95 46.78 10.23
C GLN D 189 26.57 45.58 9.51
N TRP D 190 26.02 45.23 8.33
CA TRP D 190 26.51 44.14 7.47
C TRP D 190 27.96 44.40 7.01
N LYS D 191 28.27 45.65 6.60
CA LYS D 191 29.60 46.05 6.13
C LYS D 191 30.61 46.35 7.25
N SER D 192 30.18 46.39 8.53
CA SER D 192 31.05 46.68 9.66
C SER D 192 31.87 45.48 10.16
N HIS D 193 31.48 44.24 9.78
CA HIS D 193 32.15 43.00 10.19
C HIS D 193 32.82 42.26 9.02
N ARG D 194 33.81 41.40 9.33
CA ARG D 194 34.55 40.59 8.36
C ARG D 194 33.82 39.27 8.03
N SER D 195 33.15 38.66 9.03
CA SER D 195 32.39 37.43 8.81
C SER D 195 31.14 37.30 9.69
N TYR D 196 30.14 36.60 9.15
CA TYR D 196 28.87 36.29 9.82
C TYR D 196 28.65 34.78 9.74
N SER D 197 28.36 34.14 10.90
CA SER D 197 28.17 32.68 10.96
C SER D 197 26.86 32.23 11.58
N CYS D 198 26.28 31.15 11.03
CA CYS D 198 25.07 30.49 11.53
C CYS D 198 25.47 29.07 12.00
N GLN D 199 25.38 28.82 13.32
CA GLN D 199 25.77 27.55 13.95
C GLN D 199 24.56 26.78 14.46
N VAL D 200 24.41 25.51 14.02
CA VAL D 200 23.31 24.64 14.42
C VAL D 200 23.81 23.46 15.26
N THR D 201 23.24 23.27 16.46
CA THR D 201 23.57 22.16 17.37
C THR D 201 22.39 21.19 17.36
N HIS D 202 22.69 19.87 17.23
CA HIS D 202 21.70 18.80 17.17
C HIS D 202 22.29 17.49 17.74
N GLU D 203 22.05 17.24 19.05
CA GLU D 203 22.49 16.05 19.81
C GLU D 203 23.99 15.67 19.63
N GLY D 204 24.89 16.59 19.96
CA GLY D 204 26.31 16.33 19.83
C GLY D 204 26.91 16.57 18.45
N SER D 205 26.05 16.84 17.45
CA SER D 205 26.47 17.18 16.08
C SER D 205 26.39 18.71 15.94
N THR D 206 27.40 19.31 15.29
CA THR D 206 27.47 20.75 15.08
C THR D 206 27.81 21.06 13.61
N VAL D 207 27.01 21.92 12.97
CA VAL D 207 27.19 22.36 11.59
C VAL D 207 27.24 23.90 11.57
N GLU D 208 28.33 24.46 11.02
CA GLU D 208 28.53 25.91 10.91
C GLU D 208 28.74 26.34 9.45
N LYS D 209 28.01 27.39 9.03
CA LYS D 209 28.15 28.01 7.72
C LYS D 209 28.49 29.49 7.92
N THR D 210 29.33 30.04 7.03
CA THR D 210 29.82 31.42 7.14
C THR D 210 29.68 32.22 5.83
N VAL D 211 29.35 33.51 5.95
CA VAL D 211 29.26 34.50 4.85
C VAL D 211 30.12 35.72 5.18
N ALA D 212 30.65 36.38 4.14
CA ALA D 212 31.50 37.56 4.28
C ALA D 212 31.20 38.61 3.20
N PRO D 213 31.17 39.93 3.54
CA PRO D 213 30.97 40.95 2.48
C PRO D 213 32.19 40.91 1.52
N THR D 214 32.02 40.19 0.39
CA THR D 214 32.99 39.90 -0.68
C THR D 214 33.79 41.12 -1.13
N GLN E 1 6.85 -11.24 11.01
CA GLN E 1 6.98 -12.41 11.88
C GLN E 1 7.07 -13.70 11.08
N VAL E 2 6.12 -13.92 10.12
CA VAL E 2 6.05 -15.10 9.25
C VAL E 2 7.27 -15.13 8.33
N GLN E 3 8.11 -16.18 8.47
CA GLN E 3 9.34 -16.36 7.70
C GLN E 3 9.48 -17.77 7.12
N LEU E 4 10.06 -17.85 5.91
CA LEU E 4 10.36 -19.10 5.20
C LEU E 4 11.76 -18.99 4.58
N VAL E 5 12.72 -19.77 5.12
CA VAL E 5 14.10 -19.79 4.65
C VAL E 5 14.47 -21.15 4.06
N GLU E 6 14.72 -21.19 2.73
CA GLU E 6 15.10 -22.39 2.00
C GLU E 6 16.61 -22.58 1.87
N SER E 7 17.07 -23.83 2.02
CA SER E 7 18.47 -24.25 1.92
C SER E 7 18.59 -25.62 1.24
N GLY E 8 19.80 -25.96 0.81
CA GLY E 8 20.10 -27.24 0.17
C GLY E 8 20.24 -27.16 -1.34
N GLY E 9 20.17 -25.95 -1.89
CA GLY E 9 20.30 -25.71 -3.32
C GLY E 9 21.74 -25.59 -3.76
N GLY E 10 22.05 -26.15 -4.93
CA GLY E 10 23.38 -26.11 -5.52
C GLY E 10 23.52 -26.93 -6.78
N LEU E 11 24.78 -27.25 -7.14
CA LEU E 11 25.13 -28.03 -8.32
C LEU E 11 25.06 -29.54 -8.06
N VAL E 12 24.43 -30.28 -8.98
CA VAL E 12 24.28 -31.74 -8.98
C VAL E 12 24.49 -32.27 -10.41
N GLN E 13 25.02 -33.49 -10.54
CA GLN E 13 25.24 -34.13 -11.84
C GLN E 13 23.93 -34.80 -12.33
N PRO E 14 23.68 -34.93 -13.67
CA PRO E 14 22.44 -35.59 -14.13
C PRO E 14 22.28 -37.02 -13.63
N GLY E 15 21.09 -37.33 -13.10
CA GLY E 15 20.74 -38.63 -12.54
C GLY E 15 21.00 -38.73 -11.05
N GLY E 16 21.54 -37.67 -10.47
CA GLY E 16 21.88 -37.60 -9.04
C GLY E 16 20.82 -36.99 -8.15
N PRO E 17 20.92 -37.22 -6.82
CA PRO E 17 19.90 -36.67 -5.91
C PRO E 17 20.26 -35.35 -5.24
N LEU E 18 19.26 -34.72 -4.58
CA LEU E 18 19.38 -33.48 -3.80
C LEU E 18 18.17 -33.37 -2.88
N ARG E 19 18.39 -32.90 -1.64
CA ARG E 19 17.36 -32.74 -0.62
C ARG E 19 17.28 -31.27 -0.19
N LEU E 20 16.10 -30.64 -0.37
CA LEU E 20 15.86 -29.25 0.01
C LEU E 20 15.17 -29.14 1.37
N SER E 21 15.47 -28.07 2.10
CA SER E 21 14.88 -27.78 3.42
C SER E 21 14.21 -26.42 3.41
N CYS E 22 13.23 -26.22 4.28
CA CYS E 22 12.48 -24.98 4.44
C CYS E 22 12.12 -24.79 5.91
N ALA E 23 12.88 -23.94 6.61
CA ALA E 23 12.68 -23.64 8.04
C ALA E 23 11.70 -22.49 8.25
N ALA E 24 10.60 -22.77 8.96
CA ALA E 24 9.54 -21.80 9.25
C ALA E 24 9.60 -21.24 10.67
N SER E 25 9.12 -20.00 10.85
CA SER E 25 9.05 -19.27 12.13
C SER E 25 7.97 -18.18 12.05
N GLY E 26 7.08 -18.15 13.05
CA GLY E 26 5.98 -17.20 13.12
C GLY E 26 4.62 -17.84 12.90
N PHE E 27 4.62 -19.16 12.57
CA PHE E 27 3.45 -20.00 12.29
C PHE E 27 3.84 -21.48 12.43
N THR E 28 2.84 -22.39 12.45
CA THR E 28 3.07 -23.83 12.56
C THR E 28 2.72 -24.55 11.25
N ILE E 29 3.68 -25.31 10.68
CA ILE E 29 3.56 -26.07 9.43
C ILE E 29 2.46 -27.15 9.52
N SER E 30 2.41 -27.89 10.65
CA SER E 30 1.43 -28.95 10.90
C SER E 30 -0.04 -28.49 10.85
N SER E 31 -0.29 -27.17 11.03
CA SER E 31 -1.61 -26.57 11.00
C SER E 31 -1.93 -25.83 9.68
N ASN E 32 -0.99 -25.86 8.70
CA ASN E 32 -1.13 -25.17 7.40
C ASN E 32 -0.92 -26.05 6.17
N TYR E 33 -1.46 -25.59 5.02
CA TYR E 33 -1.34 -26.22 3.70
C TYR E 33 -0.06 -25.65 3.07
N MET E 34 0.97 -26.49 2.90
CA MET E 34 2.26 -26.07 2.36
C MET E 34 2.47 -26.63 0.95
N SER E 35 3.28 -25.91 0.12
CA SER E 35 3.59 -26.34 -1.24
C SER E 35 4.99 -25.90 -1.74
N TRP E 36 5.46 -26.52 -2.83
CA TRP E 36 6.71 -26.20 -3.52
C TRP E 36 6.35 -25.80 -4.95
N VAL E 37 6.90 -24.65 -5.41
CA VAL E 37 6.68 -24.10 -6.76
C VAL E 37 8.05 -23.79 -7.36
N ARG E 38 8.30 -24.18 -8.63
CA ARG E 38 9.59 -23.89 -9.28
C ARG E 38 9.47 -22.96 -10.49
N GLN E 39 10.58 -22.29 -10.85
CA GLN E 39 10.68 -21.39 -12.00
C GLN E 39 12.06 -21.47 -12.66
N ALA E 40 12.12 -21.99 -13.90
CA ALA E 40 13.36 -22.12 -14.66
C ALA E 40 13.81 -20.72 -15.15
N PRO E 41 15.13 -20.45 -15.31
CA PRO E 41 15.57 -19.11 -15.75
C PRO E 41 14.88 -18.57 -17.00
N GLY E 42 14.22 -17.41 -16.84
CA GLY E 42 13.48 -16.74 -17.89
C GLY E 42 12.22 -17.45 -18.35
N LYS E 43 11.69 -18.39 -17.52
CA LYS E 43 10.48 -19.15 -17.83
C LYS E 43 9.35 -18.88 -16.82
N GLY E 44 8.21 -19.57 -16.99
CA GLY E 44 7.05 -19.43 -16.12
C GLY E 44 7.08 -20.27 -14.85
N LEU E 45 6.05 -20.09 -14.04
CA LEU E 45 5.91 -20.83 -12.78
C LEU E 45 5.36 -22.24 -12.97
N GLU E 46 5.94 -23.19 -12.25
CA GLU E 46 5.50 -24.59 -12.29
C GLU E 46 5.24 -25.13 -10.88
N TRP E 47 4.02 -25.58 -10.63
CA TRP E 47 3.68 -26.20 -9.35
C TRP E 47 4.32 -27.58 -9.26
N VAL E 48 4.87 -27.91 -8.10
CA VAL E 48 5.61 -29.17 -7.97
C VAL E 48 4.90 -30.18 -7.05
N SER E 49 4.69 -29.80 -5.78
CA SER E 49 4.13 -30.68 -4.77
C SER E 49 3.39 -29.90 -3.68
N ALA E 50 2.57 -30.60 -2.88
CA ALA E 50 1.81 -30.05 -1.77
C ALA E 50 1.62 -31.03 -0.60
N ILE E 51 1.57 -30.51 0.64
CA ILE E 51 1.34 -31.26 1.87
C ILE E 51 0.22 -30.57 2.69
N TYR E 52 -0.90 -31.27 2.86
CA TYR E 52 -2.09 -30.77 3.55
C TYR E 52 -1.93 -30.83 5.07
N SER E 53 -2.60 -29.91 5.81
CA SER E 53 -2.55 -29.83 7.29
C SER E 53 -2.89 -31.14 8.01
N GLY E 54 -3.67 -32.00 7.35
CA GLY E 54 -4.04 -33.31 7.86
C GLY E 54 -3.01 -34.40 7.63
N GLY E 55 -2.03 -34.11 6.76
CA GLY E 55 -0.95 -35.03 6.43
C GLY E 55 -0.89 -35.58 5.01
N SER E 56 -1.91 -35.25 4.18
CA SER E 56 -2.02 -35.72 2.77
C SER E 56 -0.94 -35.09 1.85
N THR E 57 -0.44 -35.86 0.86
CA THR E 57 0.61 -35.44 -0.09
C THR E 57 0.19 -35.60 -1.56
N TYR E 58 0.48 -34.57 -2.41
CA TYR E 58 0.12 -34.53 -3.84
C TYR E 58 1.29 -34.05 -4.71
N TYR E 59 1.39 -34.59 -5.95
CA TYR E 59 2.52 -34.33 -6.87
C TYR E 59 2.11 -34.06 -8.31
N ALA E 60 2.92 -33.24 -9.02
CA ALA E 60 2.74 -32.94 -10.45
C ALA E 60 3.28 -34.15 -11.25
N ASP E 61 2.73 -34.39 -12.46
CA ASP E 61 3.10 -35.52 -13.33
C ASP E 61 4.56 -35.51 -13.78
N SER E 62 5.15 -34.33 -14.01
CA SER E 62 6.55 -34.17 -14.43
C SER E 62 7.57 -34.60 -13.37
N VAL E 63 7.13 -34.70 -12.09
CA VAL E 63 7.99 -35.05 -10.95
C VAL E 63 7.53 -36.31 -10.19
N LYS E 64 6.33 -36.85 -10.55
CA LYS E 64 5.70 -38.03 -9.97
C LYS E 64 6.64 -39.25 -10.01
N GLY E 65 6.81 -39.90 -8.84
CA GLY E 65 7.66 -41.07 -8.69
C GLY E 65 9.08 -40.77 -8.25
N ARG E 66 9.66 -39.66 -8.74
CA ARG E 66 11.02 -39.22 -8.41
C ARG E 66 11.11 -38.35 -7.15
N PHE E 67 10.11 -37.47 -6.93
CA PHE E 67 10.08 -36.52 -5.81
C PHE E 67 9.22 -37.00 -4.65
N THR E 68 9.56 -36.55 -3.41
CA THR E 68 8.86 -36.88 -2.16
C THR E 68 8.86 -35.67 -1.21
N ILE E 69 7.66 -35.24 -0.78
CA ILE E 69 7.47 -34.13 0.18
C ILE E 69 7.23 -34.69 1.60
N SER E 70 7.80 -34.03 2.62
CA SER E 70 7.67 -34.43 4.02
C SER E 70 7.79 -33.23 4.95
N ARG E 71 7.51 -33.45 6.25
CA ARG E 71 7.62 -32.43 7.30
C ARG E 71 8.13 -33.03 8.60
N ASP E 72 8.71 -32.17 9.47
CA ASP E 72 9.21 -32.56 10.78
C ASP E 72 8.75 -31.50 11.78
N ASN E 73 7.76 -31.87 12.61
CA ASN E 73 7.12 -31.01 13.61
C ASN E 73 8.07 -30.59 14.75
N SER E 74 9.08 -31.42 15.06
CA SER E 74 10.10 -31.18 16.08
C SER E 74 10.98 -29.97 15.72
N LYS E 75 11.27 -29.79 14.42
CA LYS E 75 12.10 -28.70 13.91
C LYS E 75 11.31 -27.64 13.13
N ASN E 76 10.00 -27.90 12.87
CA ASN E 76 9.06 -27.02 12.13
C ASN E 76 9.65 -26.69 10.73
N THR E 77 10.05 -27.77 10.02
CA THR E 77 10.74 -27.73 8.73
C THR E 77 10.02 -28.56 7.66
N LEU E 78 9.96 -28.01 6.43
CA LEU E 78 9.39 -28.64 5.23
C LEU E 78 10.55 -29.15 4.36
N TYR E 79 10.42 -30.37 3.81
CA TYR E 79 11.45 -30.99 2.99
C TYR E 79 10.99 -31.31 1.57
N LEU E 80 11.95 -31.45 0.64
CA LEU E 80 11.73 -31.87 -0.75
C LEU E 80 12.91 -32.75 -1.20
N GLN E 81 12.66 -34.07 -1.30
CA GLN E 81 13.64 -35.05 -1.75
C GLN E 81 13.51 -35.19 -3.26
N MET E 82 14.62 -34.99 -3.98
CA MET E 82 14.64 -35.04 -5.45
C MET E 82 15.63 -36.10 -5.89
N ASN E 83 15.17 -37.05 -6.70
CA ASN E 83 15.99 -38.16 -7.22
C ASN E 83 15.94 -38.18 -8.73
N SER E 84 17.01 -38.71 -9.36
CA SER E 84 17.18 -38.86 -10.82
C SER E 84 16.91 -37.53 -11.55
N LEU E 85 17.50 -36.44 -11.04
CA LEU E 85 17.38 -35.08 -11.56
C LEU E 85 17.97 -34.94 -12.95
N ARG E 86 17.29 -34.15 -13.82
CA ARG E 86 17.71 -33.91 -15.20
C ARG E 86 17.83 -32.39 -15.48
N ALA E 87 18.21 -32.02 -16.72
CA ALA E 87 18.36 -30.63 -17.17
C ALA E 87 17.05 -29.81 -17.09
N GLU E 88 15.89 -30.46 -17.28
CA GLU E 88 14.56 -29.82 -17.20
C GLU E 88 14.20 -29.41 -15.75
N ASP E 89 14.91 -29.99 -14.75
CA ASP E 89 14.70 -29.71 -13.32
C ASP E 89 15.49 -28.50 -12.80
N THR E 90 16.37 -27.91 -13.64
CA THR E 90 17.15 -26.71 -13.29
C THR E 90 16.15 -25.56 -13.12
N ALA E 91 16.12 -24.97 -11.90
CA ALA E 91 15.17 -23.91 -11.54
C ALA E 91 15.43 -23.36 -10.14
N VAL E 92 14.79 -22.21 -9.82
CA VAL E 92 14.78 -21.60 -8.49
C VAL E 92 13.57 -22.26 -7.83
N TYR E 93 13.78 -22.89 -6.67
CA TYR E 93 12.73 -23.62 -5.93
C TYR E 93 12.19 -22.81 -4.77
N TYR E 94 10.88 -22.52 -4.81
CA TYR E 94 10.18 -21.73 -3.80
C TYR E 94 9.39 -22.57 -2.81
N CYS E 95 9.48 -22.19 -1.53
CA CYS E 95 8.71 -22.78 -0.43
C CYS E 95 7.49 -21.87 -0.30
N ALA E 96 6.28 -22.44 -0.19
CA ALA E 96 5.08 -21.62 -0.18
C ALA E 96 4.01 -22.00 0.85
N ARG E 97 3.37 -20.96 1.44
CA ARG E 97 2.28 -21.11 2.40
C ARG E 97 0.97 -20.73 1.70
N GLU E 98 0.02 -21.68 1.65
CA GLU E 98 -1.27 -21.52 0.99
C GLU E 98 -2.34 -20.93 1.89
N GLY E 99 -3.19 -20.09 1.30
CA GLY E 99 -4.36 -19.50 1.93
C GLY E 99 -5.60 -20.24 1.48
N PRO E 100 -6.75 -19.56 1.26
CA PRO E 100 -7.96 -20.27 0.83
C PRO E 100 -7.98 -20.65 -0.66
N GLY E 101 -8.32 -21.92 -0.93
CA GLY E 101 -8.45 -22.46 -2.28
C GLY E 101 -7.18 -22.61 -3.08
N ASP E 102 -6.08 -23.01 -2.42
CA ASP E 102 -4.71 -23.21 -2.92
C ASP E 102 -4.12 -21.92 -3.56
N SER E 103 -4.50 -20.74 -3.02
CA SER E 103 -3.93 -19.46 -3.42
C SER E 103 -2.68 -19.30 -2.55
N ILE E 104 -1.59 -18.70 -3.06
CA ILE E 104 -0.37 -18.57 -2.27
C ILE E 104 -0.28 -17.19 -1.63
N VAL E 105 -0.38 -17.16 -0.28
CA VAL E 105 -0.34 -15.94 0.54
C VAL E 105 1.11 -15.51 0.87
N TYR E 106 1.99 -16.46 1.22
CA TYR E 106 3.38 -16.15 1.53
C TYR E 106 4.40 -17.06 0.79
N TRP E 107 5.50 -16.45 0.30
CA TRP E 107 6.57 -17.10 -0.47
C TRP E 107 7.92 -16.89 0.17
N GLY E 108 8.78 -17.89 0.03
CA GLY E 108 10.18 -17.83 0.45
C GLY E 108 10.99 -17.10 -0.61
N LYS E 109 12.27 -16.84 -0.33
CA LYS E 109 13.14 -16.14 -1.30
C LYS E 109 13.57 -17.04 -2.48
N GLY E 110 13.54 -18.36 -2.27
CA GLY E 110 13.89 -19.34 -3.30
C GLY E 110 15.34 -19.75 -3.30
N THR E 111 15.62 -21.03 -3.63
CA THR E 111 16.98 -21.56 -3.71
C THR E 111 17.24 -22.15 -5.12
N LEU E 112 18.41 -21.84 -5.69
CA LEU E 112 18.75 -22.31 -7.04
C LEU E 112 19.29 -23.73 -7.05
N VAL E 113 18.77 -24.56 -7.97
CA VAL E 113 19.19 -25.94 -8.20
C VAL E 113 19.68 -26.03 -9.67
N THR E 114 20.98 -26.31 -9.89
CA THR E 114 21.58 -26.44 -11.23
C THR E 114 21.96 -27.91 -11.49
N VAL E 115 21.38 -28.51 -12.55
CA VAL E 115 21.67 -29.88 -12.96
C VAL E 115 22.57 -29.84 -14.19
N SER E 116 23.88 -30.00 -13.95
CA SER E 116 24.90 -29.95 -14.99
C SER E 116 26.03 -30.94 -14.71
N SER E 117 26.75 -31.34 -15.76
CA SER E 117 27.90 -32.22 -15.69
C SER E 117 29.20 -31.40 -15.81
N ALA E 118 29.09 -30.07 -16.06
CA ALA E 118 30.22 -29.14 -16.18
C ALA E 118 30.96 -28.96 -14.83
N SER E 119 32.28 -28.67 -14.90
CA SER E 119 33.16 -28.49 -13.75
C SER E 119 32.92 -27.20 -12.96
N THR E 120 33.01 -27.29 -11.62
CA THR E 120 32.89 -26.16 -10.69
C THR E 120 34.15 -25.30 -10.88
N LYS E 121 34.00 -23.96 -10.91
CA LYS E 121 35.13 -23.04 -11.05
C LYS E 121 34.93 -21.81 -10.22
N GLY E 122 35.90 -21.53 -9.34
CA GLY E 122 35.90 -20.38 -8.45
C GLY E 122 36.36 -19.12 -9.17
N PRO E 123 35.86 -17.92 -8.79
CA PRO E 123 36.27 -16.71 -9.53
C PRO E 123 37.57 -16.03 -9.06
N SER E 124 38.15 -15.23 -9.96
CA SER E 124 39.31 -14.38 -9.68
C SER E 124 38.71 -12.99 -9.41
N VAL E 125 39.04 -12.39 -8.25
CA VAL E 125 38.49 -11.08 -7.88
C VAL E 125 39.56 -9.97 -8.04
N PHE E 126 39.21 -8.89 -8.77
CA PHE E 126 40.08 -7.74 -9.05
C PHE E 126 39.43 -6.42 -8.64
N PRO E 127 40.19 -5.49 -8.01
CA PRO E 127 39.58 -4.20 -7.62
C PRO E 127 39.40 -3.23 -8.79
N LEU E 128 38.31 -2.44 -8.75
CA LEU E 128 38.00 -1.42 -9.75
C LEU E 128 38.13 -0.06 -9.08
N ALA E 129 39.38 0.43 -9.03
CA ALA E 129 39.81 1.68 -8.39
C ALA E 129 39.07 2.93 -8.87
N PRO E 130 38.83 3.92 -7.98
CA PRO E 130 38.15 5.15 -8.40
C PRO E 130 39.00 6.00 -9.36
N SER E 131 38.35 6.56 -10.39
CA SER E 131 38.92 7.41 -11.45
C SER E 131 39.37 8.79 -10.95
N SER E 132 40.36 9.37 -11.66
CA SER E 132 40.93 10.69 -11.37
C SER E 132 40.71 11.63 -12.56
N GLY E 137 30.38 16.42 -9.91
CA GLY E 137 31.78 16.14 -9.59
C GLY E 137 32.06 15.84 -8.13
N GLY E 138 31.00 15.76 -7.32
CA GLY E 138 31.10 15.48 -5.89
C GLY E 138 31.09 14.00 -5.55
N THR E 139 30.71 13.15 -6.52
CA THR E 139 30.63 11.70 -6.33
C THR E 139 31.61 10.92 -7.22
N ALA E 140 32.03 9.74 -6.74
CA ALA E 140 32.96 8.85 -7.43
C ALA E 140 32.48 7.42 -7.43
N ALA E 141 32.75 6.69 -8.52
CA ALA E 141 32.39 5.29 -8.69
C ALA E 141 33.60 4.37 -8.49
N LEU E 142 33.38 3.24 -7.80
CA LEU E 142 34.39 2.21 -7.55
C LEU E 142 33.72 0.85 -7.42
N GLY E 143 34.49 -0.22 -7.57
CA GLY E 143 33.94 -1.57 -7.45
C GLY E 143 34.90 -2.73 -7.45
N CYS E 144 34.35 -3.92 -7.80
CA CYS E 144 35.06 -5.20 -7.86
C CYS E 144 34.60 -5.98 -9.09
N LEU E 145 35.55 -6.59 -9.80
CA LEU E 145 35.26 -7.44 -10.95
C LEU E 145 35.36 -8.93 -10.50
N VAL E 146 34.28 -9.70 -10.69
CA VAL E 146 34.20 -11.12 -10.31
C VAL E 146 34.31 -11.91 -11.63
N LYS E 147 35.52 -12.40 -11.94
CA LYS E 147 35.83 -13.04 -13.23
C LYS E 147 35.86 -14.58 -13.27
N ASP E 148 35.25 -15.14 -14.32
CA ASP E 148 35.21 -16.57 -14.71
C ASP E 148 34.79 -17.55 -13.59
N TYR E 149 33.48 -17.75 -13.43
CA TYR E 149 32.95 -18.67 -12.43
C TYR E 149 31.80 -19.51 -12.99
N PHE E 150 31.65 -20.72 -12.46
CA PHE E 150 30.56 -21.63 -12.80
C PHE E 150 30.26 -22.54 -11.61
N PRO E 151 28.99 -22.68 -11.18
CA PRO E 151 27.77 -22.05 -11.73
C PRO E 151 27.33 -20.80 -10.94
N GLU E 152 26.12 -20.29 -11.23
CA GLU E 152 25.48 -19.19 -10.53
C GLU E 152 24.98 -19.76 -9.18
N PRO E 153 24.92 -18.99 -8.06
CA PRO E 153 25.14 -17.55 -7.92
C PRO E 153 26.44 -17.14 -7.21
N VAL E 154 26.69 -15.82 -7.16
CA VAL E 154 27.75 -15.16 -6.42
C VAL E 154 27.11 -13.99 -5.66
N THR E 155 27.40 -13.89 -4.34
CA THR E 155 26.90 -12.78 -3.52
C THR E 155 28.03 -11.82 -3.23
N VAL E 156 27.74 -10.52 -3.23
CA VAL E 156 28.76 -9.53 -2.92
C VAL E 156 28.17 -8.44 -2.02
N SER E 157 28.80 -8.25 -0.86
CA SER E 157 28.44 -7.22 0.12
C SER E 157 29.62 -6.25 0.28
N TRP E 158 29.37 -5.06 0.84
CA TRP E 158 30.41 -4.05 1.05
C TRP E 158 30.55 -3.73 2.52
N ASN E 159 31.81 -3.70 3.01
CA ASN E 159 32.21 -3.43 4.40
C ASN E 159 31.43 -4.29 5.42
N SER E 160 31.36 -5.61 5.14
CA SER E 160 30.68 -6.66 5.93
C SER E 160 29.17 -6.40 6.15
N GLY E 161 28.51 -5.88 5.10
CA GLY E 161 27.09 -5.60 5.09
C GLY E 161 26.69 -4.18 5.48
N ALA E 162 27.63 -3.43 6.09
CA ALA E 162 27.41 -2.06 6.58
C ALA E 162 27.13 -1.03 5.47
N LEU E 163 27.76 -1.16 4.28
CA LEU E 163 27.56 -0.25 3.15
C LEU E 163 26.48 -0.76 2.18
N THR E 164 25.32 -0.07 2.14
CA THR E 164 24.18 -0.43 1.28
C THR E 164 23.78 0.69 0.30
N SER E 165 23.86 1.96 0.72
CA SER E 165 23.50 3.12 -0.09
C SER E 165 24.49 3.30 -1.26
N GLY E 166 23.94 3.45 -2.45
CA GLY E 166 24.72 3.62 -3.68
C GLY E 166 25.29 2.33 -4.26
N VAL E 167 24.93 1.17 -3.68
CA VAL E 167 25.41 -0.14 -4.15
C VAL E 167 24.61 -0.63 -5.35
N HIS E 168 25.31 -1.15 -6.37
CA HIS E 168 24.72 -1.71 -7.57
C HIS E 168 25.55 -2.88 -8.10
N THR E 169 25.06 -4.11 -7.81
CA THR E 169 25.62 -5.38 -8.26
C THR E 169 24.87 -5.68 -9.56
N PHE E 170 25.60 -5.77 -10.67
CA PHE E 170 25.05 -5.97 -12.00
C PHE E 170 24.73 -7.42 -12.36
N PRO E 171 23.70 -7.68 -13.22
CA PRO E 171 23.46 -9.07 -13.65
C PRO E 171 24.67 -9.61 -14.43
N ALA E 172 24.99 -10.89 -14.23
CA ALA E 172 26.15 -11.55 -14.83
C ALA E 172 26.03 -11.74 -16.34
N VAL E 173 27.19 -11.81 -17.04
CA VAL E 173 27.29 -12.08 -18.48
C VAL E 173 27.68 -13.55 -18.63
N LEU E 174 27.03 -14.27 -19.56
CA LEU E 174 27.36 -15.65 -19.87
C LEU E 174 28.20 -15.64 -21.13
N GLN E 175 29.51 -15.86 -20.96
CA GLN E 175 30.50 -15.87 -22.03
C GLN E 175 30.39 -17.12 -22.92
N SER E 176 31.02 -17.07 -24.12
CA SER E 176 31.04 -18.16 -25.11
C SER E 176 31.80 -19.39 -24.60
N SER E 177 32.68 -19.18 -23.59
CA SER E 177 33.48 -20.21 -22.92
C SER E 177 32.61 -21.08 -21.99
N GLY E 178 31.44 -20.57 -21.60
CA GLY E 178 30.49 -21.24 -20.70
C GLY E 178 30.60 -20.77 -19.26
N LEU E 179 31.52 -19.81 -19.00
CA LEU E 179 31.74 -19.24 -17.67
C LEU E 179 31.07 -17.86 -17.55
N TYR E 180 30.72 -17.47 -16.31
CA TYR E 180 30.06 -16.21 -16.00
C TYR E 180 31.05 -15.16 -15.47
N SER E 181 30.69 -13.87 -15.60
CA SER E 181 31.43 -12.72 -15.07
C SER E 181 30.45 -11.66 -14.59
N LEU E 182 30.72 -11.06 -13.42
CA LEU E 182 29.88 -10.08 -12.75
C LEU E 182 30.69 -8.88 -12.23
N SER E 183 30.01 -7.72 -12.05
CA SER E 183 30.60 -6.50 -11.49
C SER E 183 29.68 -5.86 -10.44
N SER E 184 30.28 -5.37 -9.34
CA SER E 184 29.57 -4.65 -8.26
C SER E 184 30.17 -3.25 -8.16
N VAL E 185 29.32 -2.20 -8.19
CA VAL E 185 29.76 -0.79 -8.14
C VAL E 185 29.05 -0.01 -7.03
N VAL E 186 29.80 0.82 -6.29
CA VAL E 186 29.26 1.70 -5.26
C VAL E 186 29.66 3.19 -5.54
N THR E 187 28.65 4.09 -5.55
CA THR E 187 28.83 5.53 -5.74
C THR E 187 29.02 6.15 -4.35
N VAL E 188 30.17 6.77 -4.13
CA VAL E 188 30.58 7.35 -2.84
C VAL E 188 30.94 8.85 -2.97
N PRO E 189 30.94 9.67 -1.87
CA PRO E 189 31.39 11.06 -2.01
C PRO E 189 32.91 11.10 -2.24
N SER E 190 33.37 11.96 -3.16
CA SER E 190 34.79 12.11 -3.55
C SER E 190 35.73 12.46 -2.40
N SER E 191 35.22 13.17 -1.36
CA SER E 191 35.96 13.59 -0.17
C SER E 191 36.45 12.42 0.72
N SER E 192 35.77 11.25 0.65
CA SER E 192 36.09 10.04 1.42
C SER E 192 37.19 9.17 0.82
N LEU E 193 37.47 9.33 -0.51
CA LEU E 193 38.47 8.54 -1.24
C LEU E 193 39.86 8.73 -0.66
N GLY E 194 40.44 7.62 -0.20
CA GLY E 194 41.76 7.59 0.42
C GLY E 194 41.73 7.60 1.93
N THR E 195 40.54 7.78 2.54
CA THR E 195 40.37 7.80 4.00
C THR E 195 39.52 6.61 4.43
N GLN E 196 38.24 6.59 3.99
CA GLN E 196 37.28 5.51 4.24
C GLN E 196 37.75 4.21 3.58
N THR E 197 37.60 3.12 4.33
CA THR E 197 37.92 1.76 3.92
C THR E 197 36.78 1.23 3.06
N TYR E 198 37.12 0.65 1.90
CA TYR E 198 36.17 0.04 0.98
C TYR E 198 36.62 -1.37 0.67
N ILE E 199 35.90 -2.37 1.20
CA ILE E 199 36.20 -3.80 1.03
C ILE E 199 34.97 -4.52 0.46
N CYS E 200 35.15 -5.24 -0.67
CA CYS E 200 34.06 -6.05 -1.24
C CYS E 200 34.18 -7.51 -0.77
N ASN E 201 33.10 -8.03 -0.18
CA ASN E 201 33.03 -9.38 0.36
C ASN E 201 32.34 -10.28 -0.67
N VAL E 202 33.12 -11.11 -1.39
CA VAL E 202 32.64 -11.99 -2.47
C VAL E 202 32.47 -13.44 -1.98
N ASN E 203 31.31 -14.06 -2.27
CA ASN E 203 31.02 -15.43 -1.88
C ASN E 203 30.47 -16.28 -3.02
N HIS E 204 31.15 -17.40 -3.31
CA HIS E 204 30.76 -18.39 -4.30
C HIS E 204 30.74 -19.75 -3.57
N LYS E 205 29.57 -20.11 -2.99
CA LYS E 205 29.35 -21.34 -2.22
C LYS E 205 29.74 -22.64 -2.96
N PRO E 206 29.41 -22.86 -4.27
CA PRO E 206 29.79 -24.13 -4.93
C PRO E 206 31.28 -24.48 -4.90
N SER E 207 32.17 -23.47 -5.05
CA SER E 207 33.62 -23.67 -5.04
C SER E 207 34.29 -23.42 -3.67
N ASN E 208 33.48 -23.02 -2.66
CA ASN E 208 33.93 -22.68 -1.30
C ASN E 208 34.86 -21.44 -1.32
N THR E 209 34.55 -20.47 -2.21
CA THR E 209 35.30 -19.23 -2.38
C THR E 209 34.70 -18.13 -1.52
N LYS E 210 35.54 -17.57 -0.64
CA LYS E 210 35.19 -16.48 0.27
C LYS E 210 36.36 -15.51 0.27
N VAL E 211 36.22 -14.37 -0.44
CA VAL E 211 37.29 -13.37 -0.53
C VAL E 211 36.84 -11.99 -0.06
N ASP E 212 37.79 -11.22 0.46
CA ASP E 212 37.62 -9.84 0.89
C ASP E 212 38.68 -9.04 0.14
N LYS E 213 38.24 -8.17 -0.79
CA LYS E 213 39.13 -7.38 -1.62
C LYS E 213 39.02 -5.89 -1.28
N ARG E 214 40.13 -5.27 -0.84
CA ARG E 214 40.09 -3.86 -0.52
C ARG E 214 40.36 -3.02 -1.77
N VAL E 215 39.51 -2.01 -1.96
CA VAL E 215 39.51 -1.10 -3.12
C VAL E 215 39.93 0.29 -2.66
N GLU E 216 40.99 0.78 -3.30
CA GLU E 216 41.63 2.04 -2.90
C GLU E 216 42.13 2.82 -4.15
N PRO E 217 42.34 4.16 -4.06
CA PRO E 217 42.83 4.91 -5.24
C PRO E 217 44.23 4.46 -5.69
N LYS E 218 44.46 4.53 -7.03
CA LYS E 218 45.71 4.13 -7.68
C LYS E 218 46.86 5.05 -7.32
N SER E 219 48.02 4.45 -6.99
CA SER E 219 49.24 5.18 -6.64
C SER E 219 50.17 5.29 -7.84
N ASP E 220 50.67 6.51 -8.10
CA ASP E 220 51.57 6.79 -9.23
C ASP E 220 52.80 7.57 -8.76
N GLN F 1 -0.92 -30.26 -24.55
CA GLN F 1 -0.34 -29.06 -25.17
C GLN F 1 -0.19 -27.95 -24.12
N SER F 2 -1.20 -27.07 -24.01
CA SER F 2 -1.24 -25.98 -23.04
C SER F 2 -2.44 -26.17 -22.11
N VAL F 3 -2.17 -26.13 -20.80
CA VAL F 3 -3.16 -26.34 -19.73
C VAL F 3 -3.99 -25.06 -19.46
N LEU F 4 -3.32 -23.91 -19.33
CA LEU F 4 -3.90 -22.56 -19.16
C LEU F 4 -3.11 -21.68 -20.12
N THR F 5 -3.80 -20.89 -20.96
CA THR F 5 -3.12 -20.08 -21.98
C THR F 5 -3.38 -18.59 -21.86
N GLN F 6 -2.29 -17.82 -21.87
CA GLN F 6 -2.25 -16.37 -21.79
C GLN F 6 -1.47 -15.84 -22.98
N PRO F 7 -1.74 -14.59 -23.46
CA PRO F 7 -0.90 -14.05 -24.55
C PRO F 7 0.52 -13.75 -24.03
N PRO F 8 1.60 -14.07 -24.76
CA PRO F 8 2.95 -13.80 -24.22
C PRO F 8 3.25 -12.33 -23.88
N SER F 9 2.65 -11.36 -24.62
CA SER F 9 2.87 -9.92 -24.42
C SER F 9 1.59 -9.09 -24.57
N VAL F 10 1.55 -7.95 -23.87
CA VAL F 10 0.47 -6.94 -23.92
C VAL F 10 1.11 -5.56 -23.65
N SER F 11 0.58 -4.52 -24.32
CA SER F 11 1.07 -3.15 -24.19
C SER F 11 -0.04 -2.09 -24.26
N GLY F 12 0.14 -1.04 -23.48
CA GLY F 12 -0.77 0.10 -23.41
C GLY F 12 -0.03 1.38 -23.04
N ALA F 13 -0.69 2.52 -23.29
CA ALA F 13 -0.16 3.86 -23.00
C ALA F 13 -0.53 4.26 -21.56
N PRO F 14 0.22 5.19 -20.88
CA PRO F 14 -0.19 5.59 -19.51
C PRO F 14 -1.59 6.24 -19.51
N GLY F 15 -2.46 5.74 -18.62
CA GLY F 15 -3.85 6.19 -18.50
C GLY F 15 -4.86 5.33 -19.24
N GLN F 16 -4.39 4.45 -20.12
CA GLN F 16 -5.19 3.54 -20.95
C GLN F 16 -5.63 2.30 -20.16
N ARG F 17 -6.77 1.69 -20.56
CA ARG F 17 -7.29 0.45 -19.96
C ARG F 17 -6.82 -0.72 -20.82
N VAL F 18 -6.29 -1.76 -20.16
CA VAL F 18 -5.80 -2.96 -20.84
C VAL F 18 -6.35 -4.24 -20.18
N SER F 19 -6.52 -5.33 -20.96
CA SER F 19 -6.98 -6.62 -20.43
C SER F 19 -6.06 -7.79 -20.82
N ILE F 20 -5.91 -8.77 -19.89
CA ILE F 20 -5.07 -9.97 -20.06
C ILE F 20 -5.98 -11.20 -19.92
N SER F 21 -6.12 -11.98 -21.01
CA SER F 21 -6.96 -13.20 -21.01
C SER F 21 -6.23 -14.45 -20.48
N CYS F 22 -7.02 -15.44 -20.03
CA CYS F 22 -6.56 -16.71 -19.47
C CYS F 22 -7.57 -17.79 -19.88
N THR F 23 -7.30 -18.48 -21.00
CA THR F 23 -8.13 -19.56 -21.56
C THR F 23 -7.78 -20.88 -20.86
N GLY F 24 -8.82 -21.57 -20.40
CA GLY F 24 -8.70 -22.86 -19.73
C GLY F 24 -9.32 -24.02 -20.48
N ARG F 25 -9.49 -25.14 -19.77
CA ARG F 25 -10.05 -26.43 -20.25
C ARG F 25 -11.29 -26.81 -19.44
N SER F 26 -12.00 -27.86 -19.89
CA SER F 26 -13.16 -28.44 -19.21
C SER F 26 -12.74 -29.10 -17.90
N SER F 27 -11.45 -29.48 -17.77
CA SER F 27 -10.87 -30.12 -16.58
C SER F 27 -10.41 -29.14 -15.50
N ASN F 28 -10.28 -27.82 -15.83
CA ASN F 28 -9.87 -26.78 -14.87
C ASN F 28 -10.92 -25.64 -14.74
N ILE F 29 -10.74 -24.47 -15.44
CA ILE F 29 -11.66 -23.31 -15.38
C ILE F 29 -13.12 -23.74 -15.69
N GLY F 30 -13.29 -24.54 -16.75
CA GLY F 30 -14.58 -25.04 -17.18
C GLY F 30 -15.21 -26.06 -16.25
N ALA F 31 -14.41 -26.66 -15.36
CA ALA F 31 -14.87 -27.65 -14.37
C ALA F 31 -15.52 -26.96 -13.15
N GLY F 32 -15.30 -25.64 -13.02
CA GLY F 32 -15.87 -24.83 -11.95
C GLY F 32 -14.84 -24.30 -10.97
N TYR F 33 -13.55 -24.62 -11.18
CA TYR F 33 -12.45 -24.20 -10.35
C TYR F 33 -12.10 -22.70 -10.49
N ASP F 34 -12.02 -21.98 -9.35
CA ASP F 34 -11.69 -20.56 -9.23
C ASP F 34 -10.27 -20.24 -9.77
N VAL F 35 -10.09 -19.01 -10.26
CA VAL F 35 -8.84 -18.54 -10.86
C VAL F 35 -8.19 -17.46 -9.98
N HIS F 36 -6.89 -17.62 -9.65
CA HIS F 36 -6.13 -16.62 -8.89
C HIS F 36 -5.08 -15.95 -9.81
N TRP F 37 -4.75 -14.67 -9.54
CA TRP F 37 -3.74 -13.94 -10.32
C TRP F 37 -2.54 -13.51 -9.47
N TYR F 38 -1.35 -13.50 -10.09
CA TYR F 38 -0.10 -13.11 -9.45
C TYR F 38 0.63 -12.04 -10.26
N GLN F 39 1.31 -11.12 -9.56
CA GLN F 39 2.16 -10.08 -10.14
C GLN F 39 3.62 -10.37 -9.72
N GLN F 40 4.51 -10.56 -10.69
CA GLN F 40 5.92 -10.80 -10.41
C GLN F 40 6.81 -9.68 -10.96
N LEU F 41 7.43 -8.93 -10.05
CA LEU F 41 8.39 -7.86 -10.36
C LEU F 41 9.75 -8.53 -10.63
N PRO F 42 10.67 -7.92 -11.42
CA PRO F 42 11.95 -8.61 -11.71
C PRO F 42 12.87 -8.74 -10.49
N GLY F 43 13.46 -9.92 -10.33
CA GLY F 43 14.34 -10.27 -9.22
C GLY F 43 13.60 -10.41 -7.90
N LYS F 44 12.30 -10.80 -7.98
CA LYS F 44 11.41 -10.98 -6.83
C LYS F 44 10.55 -12.23 -6.99
N ALA F 45 9.99 -12.73 -5.88
CA ALA F 45 9.05 -13.85 -5.88
C ALA F 45 7.66 -13.28 -6.24
N PRO F 46 6.71 -14.07 -6.82
CA PRO F 46 5.39 -13.49 -7.14
C PRO F 46 4.56 -13.10 -5.91
N LYS F 47 3.55 -12.24 -6.11
CA LYS F 47 2.66 -11.77 -5.04
C LYS F 47 1.21 -11.85 -5.53
N LEU F 48 0.33 -12.39 -4.66
CA LEU F 48 -1.10 -12.56 -4.91
C LEU F 48 -1.77 -11.20 -5.21
N LEU F 49 -2.42 -11.12 -6.38
CA LEU F 49 -3.07 -9.92 -6.92
C LEU F 49 -4.60 -10.01 -6.87
N ILE F 50 -5.17 -11.18 -7.23
CA ILE F 50 -6.60 -11.49 -7.25
C ILE F 50 -6.75 -12.93 -6.73
N TYR F 51 -7.63 -13.14 -5.73
CA TYR F 51 -7.97 -14.47 -5.22
C TYR F 51 -9.48 -14.66 -5.41
N GLY F 52 -9.92 -15.90 -5.55
CA GLY F 52 -11.30 -16.20 -5.91
C GLY F 52 -11.34 -15.84 -7.38
N ASN F 53 -12.34 -15.13 -7.86
CA ASN F 53 -12.24 -14.73 -9.26
C ASN F 53 -12.12 -13.22 -9.38
N THR F 54 -12.59 -12.50 -8.33
CA THR F 54 -12.71 -11.05 -8.28
C THR F 54 -12.11 -10.35 -7.05
N ASN F 55 -11.84 -11.10 -5.95
CA ASN F 55 -11.35 -10.51 -4.68
C ASN F 55 -9.92 -9.98 -4.72
N ARG F 56 -9.73 -8.78 -4.13
CA ARG F 56 -8.42 -8.14 -4.04
C ARG F 56 -7.90 -8.22 -2.60
N PRO F 57 -6.63 -8.67 -2.38
CA PRO F 57 -6.08 -8.63 -1.00
C PRO F 57 -5.76 -7.18 -0.63
N SER F 58 -5.58 -6.88 0.68
CA SER F 58 -5.25 -5.54 1.16
C SER F 58 -3.95 -5.03 0.53
N GLY F 59 -3.96 -3.77 0.11
CA GLY F 59 -2.81 -3.13 -0.52
C GLY F 59 -2.88 -3.10 -2.03
N VAL F 60 -3.72 -3.96 -2.63
CA VAL F 60 -3.93 -4.04 -4.09
C VAL F 60 -4.98 -2.96 -4.49
N PRO F 61 -4.59 -1.97 -5.35
CA PRO F 61 -5.53 -0.88 -5.73
C PRO F 61 -6.78 -1.34 -6.51
N VAL F 62 -7.85 -0.51 -6.47
CA VAL F 62 -9.14 -0.74 -7.12
C VAL F 62 -9.04 -0.77 -8.68
N ARG F 63 -7.93 -0.22 -9.24
CA ARG F 63 -7.69 -0.20 -10.68
C ARG F 63 -7.44 -1.61 -11.29
N PHE F 64 -7.15 -2.61 -10.42
CA PHE F 64 -6.97 -4.01 -10.81
C PHE F 64 -8.28 -4.75 -10.55
N SER F 65 -8.82 -5.42 -11.57
CA SER F 65 -10.07 -6.19 -11.44
C SER F 65 -10.04 -7.50 -12.23
N GLY F 66 -10.73 -8.51 -11.71
CA GLY F 66 -10.82 -9.82 -12.36
C GLY F 66 -12.24 -10.20 -12.75
N SER F 67 -12.37 -11.04 -13.81
CA SER F 67 -13.63 -11.60 -14.29
C SER F 67 -13.39 -13.05 -14.77
N LYS F 68 -14.41 -13.92 -14.64
CA LYS F 68 -14.30 -15.32 -15.06
C LYS F 68 -15.67 -15.91 -15.38
N SER F 69 -15.81 -16.52 -16.58
CA SER F 69 -17.04 -17.17 -17.03
C SER F 69 -16.73 -18.26 -18.07
N GLY F 70 -17.39 -19.41 -17.92
CA GLY F 70 -17.21 -20.55 -18.80
C GLY F 70 -15.83 -21.17 -18.69
N THR F 71 -15.07 -21.14 -19.79
CA THR F 71 -13.73 -21.69 -19.87
C THR F 71 -12.64 -20.57 -19.91
N SER F 72 -13.03 -19.28 -19.75
CA SER F 72 -12.08 -18.17 -19.79
C SER F 72 -12.08 -17.26 -18.55
N ALA F 73 -10.95 -16.58 -18.29
CA ALA F 73 -10.74 -15.63 -17.20
C ALA F 73 -10.02 -14.37 -17.73
N SER F 74 -10.21 -13.20 -17.07
CA SER F 74 -9.59 -11.95 -17.49
C SER F 74 -9.16 -11.05 -16.35
N LEU F 75 -8.02 -10.36 -16.52
CA LEU F 75 -7.48 -9.38 -15.58
C LEU F 75 -7.47 -8.03 -16.30
N ALA F 76 -8.19 -7.05 -15.75
CA ALA F 76 -8.30 -5.70 -16.30
C ALA F 76 -7.51 -4.69 -15.45
N ILE F 77 -6.82 -3.76 -16.13
CA ILE F 77 -6.04 -2.71 -15.47
C ILE F 77 -6.43 -1.36 -16.12
N THR F 78 -7.09 -0.50 -15.34
CA THR F 78 -7.53 0.83 -15.77
C THR F 78 -6.58 1.88 -15.20
N GLY F 79 -6.28 2.91 -15.99
CA GLY F 79 -5.38 3.98 -15.58
C GLY F 79 -3.95 3.51 -15.46
N LEU F 80 -3.44 2.87 -16.53
CA LEU F 80 -2.10 2.30 -16.64
C LEU F 80 -0.99 3.29 -16.24
N GLN F 81 0.04 2.79 -15.55
CA GLN F 81 1.18 3.58 -15.09
C GLN F 81 2.48 2.76 -15.05
N ALA F 82 3.63 3.46 -14.91
CA ALA F 82 4.99 2.91 -14.87
C ALA F 82 5.17 1.69 -13.95
N GLU F 83 4.65 1.76 -12.71
CA GLU F 83 4.72 0.72 -11.68
C GLU F 83 3.97 -0.58 -12.04
N ASP F 84 3.13 -0.56 -13.10
CA ASP F 84 2.37 -1.75 -13.54
C ASP F 84 3.21 -2.73 -14.37
N GLU F 85 4.38 -2.28 -14.90
CA GLU F 85 5.28 -3.11 -15.70
C GLU F 85 5.83 -4.32 -14.91
N ALA F 86 5.35 -5.53 -15.25
CA ALA F 86 5.70 -6.81 -14.62
C ALA F 86 5.18 -8.01 -15.43
N ASP F 87 5.37 -9.22 -14.90
CA ASP F 87 4.89 -10.48 -15.48
C ASP F 87 3.67 -10.90 -14.68
N TYR F 88 2.59 -11.26 -15.38
CA TYR F 88 1.32 -11.65 -14.78
C TYR F 88 0.97 -13.10 -15.09
N TYR F 89 0.58 -13.85 -14.05
CA TYR F 89 0.22 -15.27 -14.18
C TYR F 89 -1.16 -15.57 -13.61
N CYS F 90 -1.95 -16.38 -14.33
CA CYS F 90 -3.23 -16.88 -13.81
C CYS F 90 -2.97 -18.26 -13.22
N GLN F 91 -3.87 -18.76 -12.35
CA GLN F 91 -3.70 -20.05 -11.67
C GLN F 91 -5.04 -20.68 -11.31
N SER F 92 -5.16 -22.02 -11.46
CA SER F 92 -6.36 -22.78 -11.14
C SER F 92 -5.96 -24.19 -10.69
N TYR F 93 -6.92 -25.12 -10.64
CA TYR F 93 -6.73 -26.51 -10.26
C TYR F 93 -7.29 -27.36 -11.41
N ASP F 94 -6.60 -28.46 -11.77
CA ASP F 94 -7.04 -29.38 -12.82
C ASP F 94 -7.35 -30.78 -12.22
N SER F 95 -8.61 -31.24 -12.36
CA SER F 95 -9.08 -32.51 -11.78
C SER F 95 -8.66 -33.78 -12.57
N SER F 96 -8.14 -33.61 -13.80
CA SER F 96 -7.66 -34.73 -14.62
C SER F 96 -6.19 -35.00 -14.34
N LEU F 97 -5.39 -33.93 -14.19
CA LEU F 97 -3.96 -33.99 -13.90
C LEU F 97 -3.70 -34.06 -12.38
N ARG F 98 -4.78 -33.89 -11.58
CA ARG F 98 -4.83 -33.92 -10.11
C ARG F 98 -3.76 -32.99 -9.48
N GLY F 99 -3.95 -31.68 -9.65
CA GLY F 99 -3.02 -30.69 -9.11
C GLY F 99 -3.29 -29.25 -9.53
N SER F 100 -2.68 -28.29 -8.78
CA SER F 100 -2.74 -26.86 -9.07
C SER F 100 -1.97 -26.59 -10.37
N VAL F 101 -2.40 -25.57 -11.14
CA VAL F 101 -1.78 -25.29 -12.44
C VAL F 101 -1.66 -23.77 -12.76
N PHE F 102 -0.54 -23.36 -13.37
CA PHE F 102 -0.27 -21.96 -13.77
C PHE F 102 -0.31 -21.75 -15.28
N GLY F 103 -0.73 -20.55 -15.69
CA GLY F 103 -0.66 -20.09 -17.07
C GLY F 103 0.78 -19.78 -17.42
N GLY F 104 1.07 -19.67 -18.71
CA GLY F 104 2.41 -19.39 -19.22
C GLY F 104 2.96 -18.01 -18.94
N GLY F 105 2.09 -17.07 -18.59
CA GLY F 105 2.49 -15.71 -18.27
C GLY F 105 2.39 -14.70 -19.38
N THR F 106 2.29 -13.42 -18.99
CA THR F 106 2.19 -12.27 -19.89
C THR F 106 3.12 -11.16 -19.42
N LYS F 107 3.93 -10.63 -20.33
CA LYS F 107 4.77 -9.48 -20.02
C LYS F 107 3.96 -8.21 -20.39
N LEU F 108 3.70 -7.33 -19.41
CA LEU F 108 2.98 -6.07 -19.61
C LEU F 108 3.95 -4.88 -19.75
N THR F 109 3.94 -4.21 -20.91
CA THR F 109 4.77 -3.04 -21.23
C THR F 109 3.89 -1.75 -21.18
N VAL F 110 4.39 -0.71 -20.53
CA VAL F 110 3.69 0.57 -20.50
C VAL F 110 4.41 1.56 -21.41
N LEU F 111 3.93 1.66 -22.65
CA LEU F 111 4.60 2.45 -23.69
C LEU F 111 4.14 3.90 -23.73
N GLY F 112 5.06 4.83 -23.51
CA GLY F 112 4.74 6.23 -23.55
C GLY F 112 5.58 7.08 -22.62
N GLN F 113 5.35 6.08 -20.10
CA GLN F 113 6.47 6.13 -19.16
C GLN F 113 7.47 7.19 -19.60
N PRO F 114 7.90 8.05 -18.68
CA PRO F 114 8.92 9.03 -19.05
C PRO F 114 10.24 8.33 -19.45
N LYS F 115 10.89 8.81 -20.52
CA LYS F 115 12.15 8.23 -20.97
C LYS F 115 13.30 8.69 -20.07
N ALA F 116 14.34 7.86 -19.94
CA ALA F 116 15.52 8.16 -19.12
C ALA F 116 16.77 7.71 -19.88
N ALA F 117 17.71 8.64 -20.10
CA ALA F 117 18.96 8.40 -20.80
C ALA F 117 19.93 7.60 -19.91
N PRO F 118 20.77 6.71 -20.49
CA PRO F 118 21.68 5.92 -19.64
C PRO F 118 22.86 6.65 -19.03
N SER F 119 23.29 6.16 -17.85
CA SER F 119 24.49 6.60 -17.12
C SER F 119 25.57 5.58 -17.47
N VAL F 120 26.76 6.05 -17.89
CA VAL F 120 27.85 5.16 -18.31
C VAL F 120 29.10 5.32 -17.44
N THR F 121 29.67 4.19 -16.98
CA THR F 121 30.92 4.13 -16.21
C THR F 121 31.87 3.11 -16.87
N LEU F 122 33.06 3.58 -17.28
CA LEU F 122 34.07 2.75 -17.94
C LEU F 122 35.32 2.59 -17.07
N PHE F 123 35.68 1.32 -16.77
CA PHE F 123 36.86 1.00 -15.97
C PHE F 123 37.98 0.40 -16.83
N PRO F 124 39.24 0.91 -16.68
CA PRO F 124 40.35 0.30 -17.41
C PRO F 124 40.80 -1.00 -16.72
N PRO F 125 41.65 -1.86 -17.33
CA PRO F 125 42.10 -3.07 -16.60
C PRO F 125 42.92 -2.67 -15.36
N SER F 126 42.72 -3.38 -14.23
CA SER F 126 43.44 -3.11 -12.98
C SER F 126 44.90 -3.54 -13.08
N SER F 127 45.79 -2.92 -12.28
CA SER F 127 47.23 -3.24 -12.24
C SER F 127 47.45 -4.68 -11.76
N GLU F 128 46.57 -5.17 -10.86
CA GLU F 128 46.54 -6.52 -10.31
C GLU F 128 46.23 -7.55 -11.42
N GLU F 129 45.28 -7.22 -12.33
CA GLU F 129 44.91 -8.09 -13.46
C GLU F 129 46.02 -8.10 -14.52
N LEU F 130 46.64 -6.93 -14.79
CA LEU F 130 47.75 -6.80 -15.76
C LEU F 130 48.98 -7.58 -15.29
N GLN F 131 49.21 -7.63 -13.96
CA GLN F 131 50.30 -8.38 -13.32
C GLN F 131 50.05 -9.90 -13.38
N ALA F 132 48.79 -10.31 -13.66
CA ALA F 132 48.40 -11.71 -13.82
C ALA F 132 48.41 -12.08 -15.33
N ASN F 133 48.82 -11.13 -16.20
CA ASN F 133 48.94 -11.23 -17.68
C ASN F 133 47.59 -11.24 -18.39
N LYS F 134 46.60 -10.51 -17.85
CA LYS F 134 45.25 -10.39 -18.41
C LYS F 134 44.77 -8.93 -18.48
N ALA F 135 43.78 -8.65 -19.35
CA ALA F 135 43.22 -7.30 -19.49
C ALA F 135 41.72 -7.30 -19.83
N THR F 136 40.92 -6.69 -18.95
CA THR F 136 39.47 -6.57 -19.14
C THR F 136 39.02 -5.11 -18.92
N LEU F 137 38.33 -4.56 -19.94
CA LEU F 137 37.72 -3.23 -19.94
C LEU F 137 36.25 -3.46 -19.58
N VAL F 138 35.76 -2.74 -18.55
CA VAL F 138 34.39 -2.91 -18.02
C VAL F 138 33.52 -1.66 -18.24
N CYS F 139 32.49 -1.78 -19.12
CA CYS F 139 31.54 -0.70 -19.43
C CYS F 139 30.19 -0.99 -18.75
N LEU F 140 29.83 -0.18 -17.74
CA LEU F 140 28.57 -0.36 -16.99
C LEU F 140 27.53 0.72 -17.33
N ILE F 141 26.34 0.27 -17.76
CA ILE F 141 25.22 1.09 -18.24
C ILE F 141 24.01 0.90 -17.32
N SER F 142 23.49 1.99 -16.75
CA SER F 142 22.36 1.89 -15.82
C SER F 142 21.34 3.03 -15.91
N ASP F 143 20.19 2.85 -15.24
CA ASP F 143 19.08 3.80 -15.07
C ASP F 143 18.50 4.32 -16.40
N PHE F 144 18.25 3.41 -17.36
CA PHE F 144 17.68 3.81 -18.65
C PHE F 144 16.31 3.19 -18.93
N TYR F 145 15.48 3.93 -19.70
CA TYR F 145 14.16 3.51 -20.15
C TYR F 145 13.77 4.19 -21.47
N PRO F 146 13.34 3.46 -22.53
CA PRO F 146 13.13 1.99 -22.63
C PRO F 146 14.42 1.14 -22.61
N GLY F 147 14.25 -0.18 -22.67
CA GLY F 147 15.33 -1.16 -22.60
C GLY F 147 16.14 -1.46 -23.85
N ALA F 148 15.92 -0.73 -24.95
CA ALA F 148 16.68 -0.99 -26.18
C ALA F 148 17.93 -0.09 -26.25
N VAL F 149 19.12 -0.70 -26.33
CA VAL F 149 20.42 -0.01 -26.41
C VAL F 149 21.37 -0.71 -27.37
N THR F 150 22.27 0.06 -27.99
CA THR F 150 23.33 -0.47 -28.84
C THR F 150 24.66 -0.02 -28.23
N VAL F 151 25.61 -0.97 -28.10
CA VAL F 151 26.93 -0.71 -27.52
C VAL F 151 27.98 -0.78 -28.66
N ALA F 152 28.86 0.22 -28.72
CA ALA F 152 29.91 0.31 -29.73
C ALA F 152 31.25 0.63 -29.07
N TRP F 153 32.24 -0.25 -29.27
CA TRP F 153 33.60 -0.10 -28.74
C TRP F 153 34.55 0.47 -29.80
N LYS F 154 35.49 1.33 -29.40
CA LYS F 154 36.48 1.90 -30.33
C LYS F 154 37.89 1.89 -29.74
N ALA F 155 38.89 1.56 -30.58
CA ALA F 155 40.32 1.57 -30.27
C ALA F 155 40.84 2.74 -31.11
N ASP F 156 40.94 3.92 -30.47
CA ASP F 156 41.23 5.23 -31.05
C ASP F 156 39.97 5.61 -31.86
N SER F 157 40.04 5.65 -33.21
CA SER F 157 38.87 5.96 -34.04
C SER F 157 38.36 4.75 -34.85
N SER F 158 38.99 3.57 -34.67
CA SER F 158 38.62 2.34 -35.37
C SER F 158 37.67 1.42 -34.59
N PRO F 159 36.52 1.00 -35.19
CA PRO F 159 35.59 0.11 -34.44
C PRO F 159 36.15 -1.28 -34.17
N VAL F 160 36.00 -1.76 -32.92
CA VAL F 160 36.50 -3.09 -32.52
C VAL F 160 35.34 -4.05 -32.30
N LYS F 161 35.45 -5.24 -32.91
CA LYS F 161 34.44 -6.30 -32.86
C LYS F 161 34.84 -7.49 -31.99
N ALA F 162 36.09 -7.96 -32.12
CA ALA F 162 36.63 -9.12 -31.41
C ALA F 162 36.85 -8.93 -29.92
N GLY F 163 36.47 -9.95 -29.15
CA GLY F 163 36.60 -10.01 -27.70
C GLY F 163 35.55 -9.25 -26.92
N VAL F 164 34.40 -8.93 -27.56
CA VAL F 164 33.29 -8.18 -26.94
C VAL F 164 32.19 -9.13 -26.47
N GLU F 165 31.76 -8.99 -25.19
CA GLU F 165 30.69 -9.77 -24.57
C GLU F 165 29.74 -8.78 -23.88
N THR F 166 28.47 -8.74 -24.32
CA THR F 166 27.47 -7.81 -23.78
C THR F 166 26.21 -8.56 -23.30
N THR F 167 25.65 -8.12 -22.16
CA THR F 167 24.40 -8.68 -21.60
C THR F 167 23.20 -8.14 -22.37
N THR F 168 22.07 -8.86 -22.30
CA THR F 168 20.80 -8.39 -22.85
C THR F 168 20.20 -7.57 -21.70
N PRO F 169 19.72 -6.32 -21.95
CA PRO F 169 19.19 -5.48 -20.85
C PRO F 169 18.21 -6.17 -19.91
N SER F 170 18.32 -5.85 -18.61
CA SER F 170 17.51 -6.41 -17.53
C SER F 170 17.10 -5.33 -16.53
N LYS F 171 15.88 -5.43 -16.00
CA LYS F 171 15.31 -4.47 -15.04
C LYS F 171 15.92 -4.53 -13.64
N GLN F 172 16.01 -3.35 -13.00
CA GLN F 172 16.52 -3.15 -11.64
C GLN F 172 15.31 -2.96 -10.69
N SER F 173 15.60 -2.71 -9.39
CA SER F 173 14.59 -2.49 -8.34
C SER F 173 13.86 -1.13 -8.45
N ASN F 174 13.90 -0.47 -9.61
CA ASN F 174 13.25 0.84 -9.82
C ASN F 174 12.45 0.94 -11.15
N ASN F 175 12.00 -0.22 -11.69
CA ASN F 175 11.18 -0.41 -12.90
C ASN F 175 11.73 0.21 -14.20
N LYS F 176 14.44 0.98 -13.56
CA LYS F 176 14.96 1.13 -14.91
C LYS F 176 15.78 -0.09 -15.33
N TYR F 177 16.38 -0.05 -16.53
CA TYR F 177 17.19 -1.15 -17.05
C TYR F 177 18.67 -0.99 -16.74
N ALA F 178 19.41 -2.12 -16.79
CA ALA F 178 20.85 -2.21 -16.58
C ALA F 178 21.48 -3.14 -17.61
N ALA F 179 22.73 -2.88 -17.98
CA ALA F 179 23.49 -3.68 -18.94
C ALA F 179 25.00 -3.53 -18.70
N SER F 180 25.75 -4.55 -19.11
CA SER F 180 27.21 -4.58 -18.98
C SER F 180 27.80 -5.00 -20.32
N SER F 181 29.00 -4.50 -20.62
CA SER F 181 29.76 -4.82 -21.83
C SER F 181 31.23 -5.00 -21.44
N TYR F 182 31.81 -6.15 -21.80
CA TYR F 182 33.18 -6.52 -21.46
C TYR F 182 34.03 -6.68 -22.72
N LEU F 183 35.24 -6.10 -22.70
CA LEU F 183 36.20 -6.20 -23.81
C LEU F 183 37.47 -6.90 -23.30
N SER F 184 37.72 -8.12 -23.81
CA SER F 184 38.87 -8.93 -23.45
C SER F 184 40.02 -8.70 -24.41
N LEU F 185 41.19 -8.33 -23.85
CA LEU F 185 42.41 -8.03 -24.60
C LEU F 185 43.62 -8.63 -23.87
N THR F 186 44.78 -8.64 -24.54
CA THR F 186 46.05 -9.07 -23.95
C THR F 186 46.72 -7.79 -23.41
N PRO F 187 47.64 -7.84 -22.41
CA PRO F 187 48.28 -6.58 -21.96
C PRO F 187 48.98 -5.78 -23.06
N GLU F 188 49.46 -6.48 -24.12
CA GLU F 188 50.14 -5.88 -25.29
C GLU F 188 49.16 -5.08 -26.18
N GLN F 189 47.93 -5.58 -26.39
CA GLN F 189 46.88 -4.92 -27.19
C GLN F 189 46.40 -3.62 -26.51
N TRP F 190 46.25 -3.67 -25.17
CA TRP F 190 45.86 -2.52 -24.33
C TRP F 190 46.89 -1.37 -24.43
N LYS F 191 48.20 -1.71 -24.39
CA LYS F 191 49.29 -0.73 -24.48
C LYS F 191 49.62 -0.26 -25.92
N SER F 192 49.03 -0.88 -26.95
CA SER F 192 49.29 -0.53 -28.35
C SER F 192 48.49 0.69 -28.85
N HIS F 193 47.43 1.09 -28.13
CA HIS F 193 46.57 2.22 -28.50
C HIS F 193 46.65 3.40 -27.50
N ARG F 194 46.30 4.62 -27.97
CA ARG F 194 46.28 5.84 -27.17
C ARG F 194 44.98 6.01 -26.37
N SER F 195 43.84 5.58 -26.94
CA SER F 195 42.54 5.65 -26.26
C SER F 195 41.58 4.52 -26.61
N TYR F 196 40.72 4.16 -25.66
CA TYR F 196 39.68 3.15 -25.80
C TYR F 196 38.35 3.78 -25.36
N SER F 197 37.30 3.66 -26.20
CA SER F 197 36.00 4.26 -25.92
C SER F 197 34.82 3.29 -25.97
N CYS F 198 33.85 3.48 -25.06
CA CYS F 198 32.59 2.73 -24.99
C CYS F 198 31.45 3.72 -25.29
N GLN F 199 30.75 3.53 -26.43
CA GLN F 199 29.66 4.41 -26.89
C GLN F 199 28.31 3.71 -26.81
N VAL F 200 27.35 4.33 -26.11
CA VAL F 200 26.00 3.80 -25.95
C VAL F 200 24.96 4.70 -26.67
N THR F 201 24.16 4.10 -27.57
CA THR F 201 23.09 4.80 -28.29
C THR F 201 21.75 4.33 -27.70
N HIS F 202 20.84 5.29 -27.43
CA HIS F 202 19.53 5.05 -26.83
C HIS F 202 18.52 6.13 -27.31
N GLU F 203 17.77 5.82 -28.38
CA GLU F 203 16.72 6.66 -29.00
C GLU F 203 17.15 8.12 -29.27
N GLY F 204 18.20 8.31 -30.04
CA GLY F 204 18.67 9.66 -30.36
C GLY F 204 19.60 10.30 -29.34
N SER F 205 19.78 9.64 -28.18
CA SER F 205 20.70 10.05 -27.12
C SER F 205 21.97 9.21 -27.25
N THR F 206 23.14 9.85 -27.11
CA THR F 206 24.45 9.20 -27.20
C THR F 206 25.33 9.59 -26.02
N VAL F 207 25.90 8.59 -25.34
CA VAL F 207 26.80 8.77 -24.19
C VAL F 207 28.10 8.01 -24.47
N GLU F 208 29.24 8.71 -24.45
CA GLU F 208 30.56 8.13 -24.69
C GLU F 208 31.50 8.35 -23.51
N LYS F 209 32.19 7.28 -23.07
CA LYS F 209 33.21 7.30 -22.02
C LYS F 209 34.52 6.78 -22.61
N THR F 210 35.65 7.35 -22.18
CA THR F 210 36.97 7.02 -22.71
C THR F 210 38.00 6.74 -21.60
N VAL F 211 38.88 5.76 -21.84
CA VAL F 211 40.02 5.40 -20.99
C VAL F 211 41.31 5.42 -21.83
N ALA F 212 42.44 5.68 -21.17
CA ALA F 212 43.75 5.71 -21.81
C ALA F 212 44.82 5.02 -20.97
N PRO F 213 45.69 4.19 -21.58
CA PRO F 213 46.75 3.56 -20.78
C PRO F 213 47.63 4.62 -20.08
N THR F 214 47.35 4.84 -18.75
CA THR F 214 48.05 5.79 -17.84
C THR F 214 48.26 5.11 -16.48
#